data_5HRD
#
_entry.id   5HRD
#
_cell.length_a   60.196
_cell.length_b   87.485
_cell.length_c   87.914
_cell.angle_alpha   90.00
_cell.angle_beta   91.45
_cell.angle_gamma   90.00
#
_symmetry.space_group_name_H-M   'P 1 21 1'
#
loop_
_entity.id
_entity.type
_entity.pdbx_description
1 polymer 'DNA polymerase beta-like protein'
2 polymer "DNA (5'-D(*GP*CP*GP*AP*TP*CP*GP*G)-3')"
3 non-polymer 'SULFATE ION'
4 water water
#
loop_
_entity_poly.entity_id
_entity_poly.type
_entity_poly.pdbx_seq_one_letter_code
_entity_poly.pdbx_strand_id
1 'polypeptide(L)'
;SGGGMLTLIQGKKIVNHLRSRLAFEYNGQLIKILSKNIVAVGSLRREEKMLNDVDLLIIVPEKKLLKHVLPNIRIKGLSF
SVKVCGERKCVLFIEWEKKTYQLDLFTALAEEKPYAIFHFTGPVSYLIRIRAALKKKNYKLNQYGLFKNQTLVPLKITTE
KELIKELGFTYRIPKKRL
;
A,B,C,D
2 'polydeoxyribonucleotide' (DG)(DC)(DG)(DA)(DT)(DC)(DG)(DG) E,F,G,H
#
# COMPACT_ATOMS: atom_id res chain seq x y z
N GLY A 3 4.21 -17.94 -6.06
CA GLY A 3 4.87 -16.91 -6.92
C GLY A 3 5.85 -16.03 -6.17
N GLY A 4 7.00 -15.78 -6.77
CA GLY A 4 8.01 -14.92 -6.19
C GLY A 4 7.65 -13.45 -6.35
N MET A 5 8.30 -12.61 -5.56
CA MET A 5 8.15 -11.17 -5.73
C MET A 5 9.01 -10.63 -6.86
N LEU A 6 8.54 -9.58 -7.52
CA LEU A 6 9.18 -9.02 -8.72
C LEU A 6 9.42 -7.56 -8.49
N THR A 7 10.46 -7.03 -9.12
CA THR A 7 10.60 -5.58 -9.21
C THR A 7 9.66 -5.03 -10.28
N LEU A 8 9.42 -3.72 -10.24
CA LEU A 8 8.60 -3.07 -11.24
C LEU A 8 9.17 -3.31 -12.64
N ILE A 9 10.49 -3.18 -12.77
CA ILE A 9 11.17 -3.40 -14.04
C ILE A 9 10.95 -4.81 -14.58
N GLN A 10 11.11 -5.82 -13.74
CA GLN A 10 10.89 -7.19 -14.15
C GLN A 10 9.46 -7.40 -14.61
N GLY A 11 8.51 -6.81 -13.89
CA GLY A 11 7.08 -6.89 -14.25
C GLY A 11 6.78 -6.31 -15.61
N LYS A 12 7.33 -5.12 -15.89
CA LYS A 12 7.17 -4.46 -17.18
C LYS A 12 7.79 -5.24 -18.33
N LYS A 13 8.95 -5.84 -18.09
CA LYS A 13 9.58 -6.71 -19.09
C LYS A 13 8.66 -7.90 -19.42
N ILE A 14 8.04 -8.47 -18.39
CA ILE A 14 7.18 -9.63 -18.59
C ILE A 14 5.95 -9.24 -19.42
N VAL A 15 5.33 -8.12 -19.06
CA VAL A 15 4.17 -7.63 -19.81
C VAL A 15 4.52 -7.39 -21.28
N ASN A 16 5.66 -6.74 -21.51
CA ASN A 16 6.13 -6.50 -22.90
C ASN A 16 6.22 -7.83 -23.69
N HIS A 17 6.84 -8.82 -23.09
CA HIS A 17 6.94 -10.15 -23.69
C HIS A 17 5.55 -10.74 -23.98
N LEU A 18 4.63 -10.61 -23.01
CA LEU A 18 3.30 -11.23 -23.15
C LEU A 18 2.40 -10.59 -24.19
N ARG A 19 2.58 -9.29 -24.42
CA ARG A 19 1.71 -8.50 -25.29
C ARG A 19 1.48 -9.07 -26.68
N SER A 20 2.49 -9.72 -27.24
CA SER A 20 2.40 -10.29 -28.58
C SER A 20 2.17 -11.80 -28.56
N ARG A 21 1.97 -12.38 -27.38
CA ARG A 21 2.00 -13.82 -27.26
C ARG A 21 0.75 -14.46 -26.64
N LEU A 22 -0.29 -13.68 -26.36
CA LEU A 22 -1.51 -14.20 -25.74
C LEU A 22 -2.52 -14.55 -26.80
N ALA A 23 -3.20 -15.67 -26.59
CA ALA A 23 -4.21 -16.10 -27.52
C ALA A 23 -5.18 -16.99 -26.76
N PHE A 24 -6.26 -17.34 -27.44
CA PHE A 24 -7.17 -18.35 -26.88
C PHE A 24 -7.68 -19.25 -27.97
N GLU A 25 -8.06 -20.47 -27.59
CA GLU A 25 -8.60 -21.43 -28.51
C GLU A 25 -10.12 -21.36 -28.46
N TYR A 26 -10.73 -21.23 -29.63
CA TYR A 26 -12.17 -21.06 -29.77
C TYR A 26 -12.65 -22.11 -30.74
N ASN A 27 -13.31 -23.15 -30.22
CA ASN A 27 -13.74 -24.30 -31.02
C ASN A 27 -12.69 -24.74 -32.04
N GLY A 28 -11.49 -25.00 -31.54
CA GLY A 28 -10.41 -25.51 -32.37
C GLY A 28 -9.53 -24.50 -33.07
N GLN A 29 -9.92 -23.23 -33.09
CA GLN A 29 -9.03 -22.25 -33.71
C GLN A 29 -8.39 -21.24 -32.75
N LEU A 30 -7.12 -20.99 -33.01
CA LEU A 30 -6.31 -20.15 -32.19
C LEU A 30 -6.56 -18.69 -32.58
N ILE A 31 -7.11 -17.93 -31.66
CA ILE A 31 -7.42 -16.53 -31.88
C ILE A 31 -6.45 -15.70 -31.07
N LYS A 32 -5.65 -14.91 -31.77
CA LYS A 32 -4.72 -14.04 -31.11
C LYS A 32 -5.45 -12.93 -30.39
N ILE A 33 -4.95 -12.58 -29.22
CA ILE A 33 -5.45 -11.45 -28.47
C ILE A 33 -4.58 -10.27 -28.92
N LEU A 34 -5.18 -9.12 -29.21
CA LEU A 34 -4.40 -7.95 -29.69
C LEU A 34 -3.85 -7.09 -28.56
N SER A 35 -2.63 -6.62 -28.74
CA SER A 35 -1.96 -5.81 -27.75
C SER A 35 -2.85 -4.67 -27.23
N LYS A 36 -3.62 -4.06 -28.12
CA LYS A 36 -4.46 -2.91 -27.76
C LYS A 36 -5.60 -3.31 -26.82
N ASN A 37 -5.87 -4.61 -26.73
CA ASN A 37 -6.87 -5.15 -25.82
C ASN A 37 -6.28 -5.76 -24.55
N ILE A 38 -5.00 -5.49 -24.31
CA ILE A 38 -4.32 -5.90 -23.11
C ILE A 38 -3.89 -4.67 -22.33
N VAL A 39 -4.41 -4.55 -21.12
CA VAL A 39 -4.11 -3.42 -20.25
C VAL A 39 -3.41 -3.87 -18.97
N ALA A 40 -2.23 -3.32 -18.70
CA ALA A 40 -1.58 -3.51 -17.42
C ALA A 40 -2.35 -2.78 -16.31
N VAL A 41 -2.69 -3.51 -15.26
CA VAL A 41 -3.45 -2.93 -14.15
C VAL A 41 -2.74 -3.22 -12.82
N GLY A 42 -3.46 -3.06 -11.72
CA GLY A 42 -2.95 -3.43 -10.41
C GLY A 42 -1.71 -2.68 -9.99
N SER A 43 -0.90 -3.36 -9.20
CA SER A 43 0.32 -2.77 -8.62
C SER A 43 1.26 -2.23 -9.72
N LEU A 44 1.22 -2.86 -10.88
CA LEU A 44 2.01 -2.46 -12.03
C LEU A 44 1.59 -1.10 -12.54
N ARG A 45 0.30 -0.89 -12.73
CA ARG A 45 -0.18 0.42 -13.17
C ARG A 45 0.03 1.49 -12.08
N ARG A 46 0.01 1.09 -10.81
CA ARG A 46 0.26 2.03 -9.69
C ARG A 46 1.73 2.35 -9.51
N GLU A 47 2.59 1.69 -10.28
CA GLU A 47 4.04 1.94 -10.31
C GLU A 47 4.66 1.68 -8.95
N GLU A 48 4.22 0.62 -8.29
CA GLU A 48 4.82 0.21 -7.04
C GLU A 48 6.16 -0.47 -7.29
N LYS A 49 7.09 -0.34 -6.34
CA LYS A 49 8.49 -0.78 -6.54
C LYS A 49 8.62 -2.27 -6.64
N MET A 50 7.91 -2.98 -5.77
CA MET A 50 7.88 -4.44 -5.78
C MET A 50 6.47 -4.93 -6.03
N LEU A 51 6.36 -6.04 -6.75
CA LEU A 51 5.11 -6.59 -7.12
C LEU A 51 4.99 -8.00 -6.54
N ASN A 52 3.79 -8.39 -6.22
CA ASN A 52 3.54 -9.77 -5.79
C ASN A 52 3.09 -10.63 -6.96
N ASP A 53 2.73 -9.98 -8.06
CA ASP A 53 2.19 -10.64 -9.25
C ASP A 53 2.09 -9.64 -10.39
N VAL A 54 1.85 -10.15 -11.59
CA VAL A 54 1.62 -9.32 -12.73
C VAL A 54 0.15 -9.38 -13.09
N ASP A 55 -0.47 -8.21 -13.22
CA ASP A 55 -1.91 -8.09 -13.39
C ASP A 55 -2.26 -7.54 -14.76
N LEU A 56 -2.98 -8.35 -15.55
CA LEU A 56 -3.43 -7.91 -16.87
C LEU A 56 -4.92 -8.01 -17.04
N LEU A 57 -5.47 -6.96 -17.63
CA LEU A 57 -6.86 -6.92 -18.02
C LEU A 57 -6.98 -7.14 -19.53
N ILE A 58 -7.78 -8.13 -19.91
CA ILE A 58 -8.01 -8.45 -21.30
C ILE A 58 -9.39 -7.97 -21.71
N ILE A 59 -9.45 -7.12 -22.73
CA ILE A 59 -10.70 -6.60 -23.21
C ILE A 59 -11.23 -7.52 -24.28
N VAL A 60 -12.44 -7.99 -24.08
CA VAL A 60 -13.11 -8.98 -24.93
C VAL A 60 -14.30 -8.36 -25.71
N PRO A 61 -14.35 -8.52 -27.04
CA PRO A 61 -15.28 -7.72 -27.85
C PRO A 61 -16.73 -8.21 -27.82
N GLU A 62 -16.97 -9.45 -27.41
CA GLU A 62 -18.31 -10.06 -27.46
C GLU A 62 -18.57 -10.92 -26.24
N LYS A 63 -19.76 -10.78 -25.66
CA LYS A 63 -20.20 -11.61 -24.52
C LYS A 63 -20.01 -13.10 -24.74
N LYS A 64 -20.32 -13.57 -25.95
CA LYS A 64 -20.25 -15.00 -26.27
C LYS A 64 -18.85 -15.55 -26.11
N LEU A 65 -17.84 -14.70 -26.30
CA LEU A 65 -16.45 -15.15 -26.19
C LEU A 65 -15.94 -15.39 -24.75
N LEU A 66 -16.64 -14.87 -23.75
CA LEU A 66 -16.16 -14.97 -22.37
C LEU A 66 -15.98 -16.40 -21.90
N LYS A 67 -16.88 -17.29 -22.32
CA LYS A 67 -16.73 -18.69 -21.93
C LYS A 67 -15.49 -19.34 -22.56
N HIS A 68 -14.87 -18.66 -23.55
CA HIS A 68 -13.75 -19.23 -24.29
C HIS A 68 -12.39 -18.65 -23.98
N VAL A 69 -12.33 -17.35 -23.63
CA VAL A 69 -11.03 -16.66 -23.57
C VAL A 69 -10.09 -17.17 -22.48
N LEU A 70 -10.41 -16.91 -21.22
CA LEU A 70 -9.55 -17.34 -20.13
C LEU A 70 -9.54 -18.87 -19.96
N PRO A 71 -10.71 -19.50 -20.07
CA PRO A 71 -10.66 -20.99 -19.92
C PRO A 71 -9.81 -21.72 -20.98
N ASN A 72 -9.56 -21.11 -22.13
CA ASN A 72 -8.70 -21.68 -23.16
C ASN A 72 -7.50 -20.79 -23.49
N ILE A 73 -6.96 -20.12 -22.48
CA ILE A 73 -5.84 -19.19 -22.69
C ILE A 73 -4.59 -19.95 -23.18
N ARG A 74 -3.81 -19.31 -24.05
CA ARG A 74 -2.56 -19.87 -24.56
C ARG A 74 -1.51 -18.75 -24.53
N ILE A 75 -0.28 -19.11 -24.20
CA ILE A 75 0.84 -18.15 -24.18
C ILE A 75 1.96 -18.80 -24.95
N LYS A 76 2.31 -18.21 -26.07
CA LYS A 76 3.33 -18.78 -26.96
C LYS A 76 4.69 -18.82 -26.29
N GLY A 77 5.27 -20.02 -26.20
CA GLY A 77 6.65 -20.21 -25.79
C GLY A 77 6.94 -20.13 -24.30
N LEU A 78 5.93 -19.86 -23.48
CA LEU A 78 6.13 -19.70 -22.05
C LEU A 78 5.53 -20.87 -21.27
N SER A 79 6.28 -21.40 -20.31
CA SER A 79 5.79 -22.47 -19.47
C SER A 79 4.90 -21.87 -18.40
N PHE A 80 3.70 -22.40 -18.26
CA PHE A 80 2.83 -21.99 -17.19
C PHE A 80 1.89 -23.12 -16.76
N SER A 81 1.33 -22.95 -15.58
CA SER A 81 0.31 -23.84 -15.04
C SER A 81 -0.85 -23.01 -14.48
N VAL A 82 -2.04 -23.60 -14.42
CA VAL A 82 -3.24 -22.91 -13.98
C VAL A 82 -3.52 -23.19 -12.50
N LYS A 83 -3.60 -22.13 -11.69
CA LYS A 83 -4.01 -22.25 -10.31
C LYS A 83 -5.56 -22.29 -10.20
N VAL A 84 -6.21 -21.23 -10.65
CA VAL A 84 -7.67 -21.19 -10.74
C VAL A 84 -8.04 -20.47 -12.02
N CYS A 85 -9.20 -20.80 -12.55
CA CYS A 85 -9.62 -20.20 -13.80
C CYS A 85 -11.11 -20.25 -14.00
N GLY A 86 -11.68 -19.09 -14.32
CA GLY A 86 -13.07 -18.98 -14.73
C GLY A 86 -13.12 -18.04 -15.91
N GLU A 87 -14.31 -17.54 -16.21
CA GLU A 87 -14.51 -16.61 -17.34
C GLU A 87 -13.98 -15.20 -17.06
N ARG A 88 -13.93 -14.82 -15.79
CA ARG A 88 -13.56 -13.45 -15.42
C ARG A 88 -12.23 -13.31 -14.71
N LYS A 89 -11.75 -14.38 -14.09
CA LYS A 89 -10.47 -14.40 -13.41
C LYS A 89 -9.73 -15.69 -13.70
N CYS A 90 -8.46 -15.53 -14.05
CA CYS A 90 -7.58 -16.65 -14.26
C CYS A 90 -6.25 -16.35 -13.62
N VAL A 91 -5.79 -17.26 -12.75
CA VAL A 91 -4.50 -17.09 -12.10
C VAL A 91 -3.54 -18.15 -12.55
N LEU A 92 -2.41 -17.72 -13.11
CA LEU A 92 -1.41 -18.62 -13.65
C LEU A 92 -0.09 -18.47 -12.92
N PHE A 93 0.66 -19.56 -12.85
CA PHE A 93 2.05 -19.51 -12.46
C PHE A 93 2.89 -19.66 -13.72
N ILE A 94 3.74 -18.67 -14.00
CA ILE A 94 4.56 -18.69 -15.20
C ILE A 94 6.04 -18.84 -14.83
N GLU A 95 6.79 -19.48 -15.72
CA GLU A 95 8.22 -19.60 -15.57
C GLU A 95 8.85 -18.45 -16.35
N TRP A 96 9.71 -17.71 -15.67
CA TRP A 96 10.41 -16.60 -16.29
C TRP A 96 11.84 -16.59 -15.76
N GLU A 97 12.81 -16.81 -16.64
CA GLU A 97 14.24 -16.86 -16.27
C GLU A 97 14.50 -17.70 -15.02
N LYS A 98 14.07 -18.96 -15.08
CA LYS A 98 14.29 -19.93 -14.01
C LYS A 98 13.61 -19.62 -12.66
N LYS A 99 12.74 -18.62 -12.62
CA LYS A 99 11.90 -18.38 -11.44
C LYS A 99 10.42 -18.41 -11.81
N THR A 100 9.58 -18.74 -10.80
CA THR A 100 8.13 -18.82 -10.96
C THR A 100 7.44 -17.56 -10.44
N TYR A 101 6.56 -16.98 -11.24
CA TYR A 101 5.78 -15.81 -10.83
C TYR A 101 4.30 -16.03 -11.08
N GLN A 102 3.49 -15.25 -10.38
CA GLN A 102 2.06 -15.29 -10.52
C GLN A 102 1.56 -14.25 -11.52
N LEU A 103 0.78 -14.70 -12.46
CA LEU A 103 0.16 -13.86 -13.46
C LEU A 103 -1.33 -13.91 -13.25
N ASP A 104 -1.92 -12.77 -12.97
CA ASP A 104 -3.35 -12.63 -12.74
C ASP A 104 -4.01 -12.02 -13.98
N LEU A 105 -4.92 -12.78 -14.59
CA LEU A 105 -5.64 -12.31 -15.77
C LEU A 105 -7.09 -12.08 -15.48
N PHE A 106 -7.61 -10.95 -15.96
CA PHE A 106 -9.01 -10.60 -15.83
C PHE A 106 -9.59 -10.20 -17.18
N THR A 107 -10.89 -10.37 -17.36
CA THR A 107 -11.55 -10.00 -18.61
C THR A 107 -12.59 -8.92 -18.36
N ALA A 108 -12.66 -7.98 -19.28
CA ALA A 108 -13.72 -7.01 -19.36
C ALA A 108 -14.29 -6.95 -20.77
N LEU A 109 -15.60 -6.78 -20.86
CA LEU A 109 -16.25 -6.46 -22.13
C LEU A 109 -15.96 -5.00 -22.46
N ALA A 110 -16.03 -4.65 -23.74
CA ALA A 110 -15.65 -3.30 -24.23
C ALA A 110 -16.41 -2.22 -23.48
N GLU A 111 -17.72 -2.39 -23.30
CA GLU A 111 -18.52 -1.38 -22.61
C GLU A 111 -18.20 -1.25 -21.11
N GLU A 112 -17.52 -2.25 -20.55
CA GLU A 112 -17.11 -2.24 -19.14
C GLU A 112 -15.73 -1.62 -18.93
N LYS A 113 -15.00 -1.39 -20.01
CA LYS A 113 -13.57 -1.10 -19.94
C LYS A 113 -13.17 0.00 -18.94
N PRO A 114 -13.83 1.16 -18.97
CA PRO A 114 -13.37 2.19 -18.04
C PRO A 114 -13.59 1.78 -16.58
N TYR A 115 -14.70 1.09 -16.34
CA TYR A 115 -15.04 0.66 -15.00
C TYR A 115 -14.06 -0.37 -14.51
N ALA A 116 -13.69 -1.28 -15.41
CA ALA A 116 -12.76 -2.34 -15.09
C ALA A 116 -11.37 -1.77 -14.80
N ILE A 117 -10.93 -0.84 -15.63
CA ILE A 117 -9.64 -0.25 -15.41
C ILE A 117 -9.59 0.41 -14.05
N PHE A 118 -10.62 1.17 -13.71
CA PHE A 118 -10.70 1.89 -12.46
C PHE A 118 -10.67 0.93 -11.26
N HIS A 119 -11.48 -0.12 -11.34
CA HIS A 119 -11.49 -1.19 -10.32
C HIS A 119 -10.14 -1.89 -10.16
N PHE A 120 -9.58 -2.38 -11.28
CA PHE A 120 -8.38 -3.17 -11.23
C PHE A 120 -7.14 -2.35 -10.97
N THR A 121 -7.25 -1.03 -11.11
CA THR A 121 -6.14 -0.15 -10.71
C THR A 121 -6.05 0.03 -9.19
N GLY A 122 -7.19 0.16 -8.51
CA GLY A 122 -7.22 0.39 -7.07
C GLY A 122 -6.44 1.65 -6.71
N PRO A 123 -5.73 1.64 -5.56
CA PRO A 123 -5.63 0.55 -4.59
C PRO A 123 -6.93 0.34 -3.87
N VAL A 124 -7.00 -0.72 -3.07
CA VAL A 124 -8.23 -1.09 -2.42
C VAL A 124 -8.79 0.01 -1.50
N SER A 125 -7.93 0.58 -0.67
CA SER A 125 -8.32 1.69 0.23
C SER A 125 -9.08 2.77 -0.51
N TYR A 126 -8.60 3.11 -1.71
CA TYR A 126 -9.19 4.14 -2.55
C TYR A 126 -10.54 3.74 -3.10
N LEU A 127 -10.64 2.51 -3.59
CA LEU A 127 -11.93 1.99 -4.03
C LEU A 127 -12.99 2.02 -2.92
N ILE A 128 -12.59 1.66 -1.70
CA ILE A 128 -13.54 1.61 -0.57
C ILE A 128 -14.11 2.99 -0.28
N ARG A 129 -13.23 3.97 -0.28
CA ARG A 129 -13.64 5.35 -0.02
C ARG A 129 -14.61 5.85 -1.08
N ILE A 130 -14.23 5.65 -2.35
CA ILE A 130 -15.03 6.08 -3.48
C ILE A 130 -16.41 5.37 -3.47
N ARG A 131 -16.37 4.09 -3.28
CA ARG A 131 -17.63 3.31 -3.28
C ARG A 131 -18.55 3.68 -2.13
N ALA A 132 -17.97 3.95 -0.97
CA ALA A 132 -18.74 4.35 0.21
C ALA A 132 -19.49 5.67 -0.02
N ALA A 133 -18.81 6.62 -0.65
CA ALA A 133 -19.41 7.91 -0.95
C ALA A 133 -20.56 7.79 -1.94
N LEU A 134 -20.37 6.95 -2.96
CA LEU A 134 -21.42 6.71 -3.95
C LEU A 134 -22.57 5.95 -3.32
N LYS A 135 -22.25 5.03 -2.41
CA LYS A 135 -23.28 4.23 -1.73
C LYS A 135 -24.23 5.10 -0.88
N LYS A 136 -23.71 6.16 -0.29
CA LYS A 136 -24.52 7.12 0.46
C LYS A 136 -25.57 7.80 -0.42
N LYS A 137 -25.31 7.91 -1.71
CA LYS A 137 -26.27 8.48 -2.67
C LYS A 137 -27.08 7.40 -3.41
N ASN A 138 -27.12 6.19 -2.87
CA ASN A 138 -27.84 5.06 -3.47
C ASN A 138 -27.30 4.60 -4.83
N TYR A 139 -26.00 4.76 -5.04
CA TYR A 139 -25.34 4.18 -6.22
C TYR A 139 -24.51 2.97 -5.79
N LYS A 140 -24.25 2.07 -6.74
CA LYS A 140 -23.34 0.96 -6.55
C LYS A 140 -22.37 0.92 -7.71
N LEU A 141 -21.09 1.05 -7.40
CA LEU A 141 -20.02 1.04 -8.39
C LEU A 141 -19.25 -0.25 -8.29
N ASN A 142 -19.02 -0.88 -9.44
CA ASN A 142 -18.18 -2.05 -9.53
C ASN A 142 -17.39 -2.04 -10.83
N GLN A 143 -16.74 -3.15 -11.14
CA GLN A 143 -15.94 -3.30 -12.35
C GLN A 143 -16.73 -3.40 -13.67
N TYR A 144 -18.06 -3.49 -13.56
CA TYR A 144 -18.97 -3.60 -14.69
C TYR A 144 -19.73 -2.33 -15.04
N GLY A 145 -19.89 -1.43 -14.10
CA GLY A 145 -20.68 -0.24 -14.33
C GLY A 145 -21.03 0.52 -13.08
N LEU A 146 -21.78 1.59 -13.26
CA LEU A 146 -22.41 2.31 -12.17
C LEU A 146 -23.89 2.00 -12.20
N PHE A 147 -24.41 1.62 -11.03
CA PHE A 147 -25.78 1.16 -10.90
C PHE A 147 -26.54 1.96 -9.88
N LYS A 148 -27.81 2.15 -10.12
CA LYS A 148 -28.74 2.67 -9.12
C LYS A 148 -30.03 1.83 -9.20
N ASN A 149 -30.49 1.34 -8.06
CA ASN A 149 -31.64 0.43 -8.00
C ASN A 149 -31.48 -0.77 -8.92
N GLN A 150 -30.27 -1.32 -8.87
CA GLN A 150 -29.89 -2.52 -9.62
C GLN A 150 -29.99 -2.30 -11.14
N THR A 151 -29.91 -1.05 -11.60
CA THR A 151 -30.08 -0.71 -13.00
C THR A 151 -28.88 0.10 -13.46
N LEU A 152 -28.35 -0.26 -14.62
CA LEU A 152 -27.15 0.36 -15.14
C LEU A 152 -27.43 1.84 -15.42
N VAL A 153 -26.60 2.72 -14.89
CA VAL A 153 -26.71 4.15 -15.17
C VAL A 153 -25.86 4.41 -16.42
N PRO A 154 -26.52 4.65 -17.56
CA PRO A 154 -25.74 4.81 -18.77
C PRO A 154 -25.00 6.16 -18.76
N LEU A 155 -23.68 6.10 -18.56
CA LEU A 155 -22.87 7.30 -18.62
C LEU A 155 -22.25 7.38 -20.01
N LYS A 156 -22.10 8.59 -20.52
CA LYS A 156 -21.54 8.77 -21.88
C LYS A 156 -20.04 9.01 -21.77
N ILE A 157 -19.30 7.93 -21.51
CA ILE A 157 -17.85 8.01 -21.32
C ILE A 157 -17.16 6.88 -22.06
N THR A 158 -15.87 7.07 -22.31
CA THR A 158 -15.03 6.09 -22.99
C THR A 158 -13.81 5.71 -22.16
N THR A 159 -13.24 6.68 -21.45
CA THR A 159 -11.99 6.50 -20.73
C THR A 159 -12.21 6.49 -19.22
N GLU A 160 -11.22 5.99 -18.50
CA GLU A 160 -11.21 6.01 -17.02
C GLU A 160 -11.23 7.45 -16.46
N LYS A 161 -10.46 8.34 -17.08
CA LYS A 161 -10.44 9.75 -16.65
C LYS A 161 -11.85 10.38 -16.72
N GLU A 162 -12.55 10.17 -17.83
CA GLU A 162 -13.90 10.68 -18.02
C GLU A 162 -14.86 10.11 -16.97
N LEU A 163 -14.71 8.82 -16.68
CA LEU A 163 -15.50 8.16 -15.66
C LEU A 163 -15.30 8.82 -14.30
N ILE A 164 -14.05 9.01 -13.91
CA ILE A 164 -13.70 9.55 -12.61
C ILE A 164 -14.34 10.93 -12.40
N LYS A 165 -14.22 11.77 -13.42
CA LYS A 165 -14.78 13.13 -13.37
C LYS A 165 -16.32 13.11 -13.39
N GLU A 166 -16.91 12.25 -14.20
CA GLU A 166 -18.36 12.09 -14.24
C GLU A 166 -18.93 11.60 -12.89
N LEU A 167 -18.16 10.78 -12.16
CA LEU A 167 -18.56 10.33 -10.82
C LEU A 167 -18.45 11.44 -9.77
N GLY A 168 -17.73 12.52 -10.09
CA GLY A 168 -17.63 13.69 -9.23
C GLY A 168 -16.44 13.68 -8.29
N PHE A 169 -15.39 12.94 -8.66
CA PHE A 169 -14.18 12.88 -7.86
C PHE A 169 -13.01 13.51 -8.59
N THR A 170 -11.98 13.87 -7.82
CA THR A 170 -10.77 14.48 -8.36
C THR A 170 -9.94 13.45 -9.12
N TYR A 171 -9.56 13.77 -10.35
CA TYR A 171 -8.71 12.87 -11.11
C TYR A 171 -7.28 12.90 -10.59
N ARG A 172 -6.77 11.72 -10.25
CA ARG A 172 -5.37 11.56 -9.85
C ARG A 172 -4.73 10.42 -10.64
N ILE A 173 -3.46 10.59 -10.98
CA ILE A 173 -2.75 9.54 -11.69
C ILE A 173 -2.65 8.31 -10.79
N PRO A 174 -2.63 7.09 -11.38
CA PRO A 174 -2.73 5.86 -10.61
C PRO A 174 -1.78 5.80 -9.42
N LYS A 175 -0.54 6.24 -9.63
CA LYS A 175 0.48 6.27 -8.59
C LYS A 175 0.07 7.05 -7.33
N LYS A 176 -0.79 8.06 -7.47
CA LYS A 176 -1.15 8.96 -6.38
C LYS A 176 -2.53 8.67 -5.76
N ARG A 177 -3.19 7.61 -6.19
CA ARG A 177 -4.49 7.25 -5.64
C ARG A 177 -4.32 6.53 -4.33
N LEU A 178 -5.08 6.98 -3.34
CA LEU A 178 -5.02 6.44 -2.00
C LEU A 178 -6.38 6.49 -1.31
N GLY B 3 -5.02 -33.20 -9.18
CA GLY B 3 -5.23 -34.47 -8.42
C GLY B 3 -5.93 -35.55 -9.23
N GLY B 4 -5.44 -36.78 -9.10
CA GLY B 4 -6.01 -37.92 -9.80
C GLY B 4 -7.28 -38.39 -9.13
N MET B 5 -8.06 -39.19 -9.84
CA MET B 5 -9.24 -39.82 -9.25
C MET B 5 -8.86 -41.08 -8.48
N LEU B 6 -9.62 -41.37 -7.43
CA LEU B 6 -9.36 -42.48 -6.52
C LEU B 6 -10.59 -43.33 -6.39
N THR B 7 -10.42 -44.61 -6.12
CA THR B 7 -11.54 -45.44 -5.70
C THR B 7 -11.85 -45.17 -4.23
N LEU B 8 -13.04 -45.55 -3.79
CA LEU B 8 -13.42 -45.45 -2.40
C LEU B 8 -12.43 -46.17 -1.49
N ILE B 9 -12.03 -47.38 -1.89
CA ILE B 9 -11.05 -48.15 -1.12
C ILE B 9 -9.68 -47.46 -0.99
N GLN B 10 -9.16 -46.91 -2.09
CA GLN B 10 -7.90 -46.15 -2.06
C GLN B 10 -8.01 -44.96 -1.11
N GLY B 11 -9.15 -44.27 -1.16
CA GLY B 11 -9.43 -43.14 -0.29
C GLY B 11 -9.40 -43.52 1.18
N LYS B 12 -10.07 -44.62 1.52
CA LYS B 12 -10.09 -45.11 2.89
C LYS B 12 -8.72 -45.52 3.39
N LYS B 13 -7.93 -46.16 2.52
CA LYS B 13 -6.55 -46.51 2.86
C LYS B 13 -5.71 -45.26 3.17
N ILE B 14 -5.89 -44.22 2.37
CA ILE B 14 -5.17 -42.96 2.60
C ILE B 14 -5.57 -42.34 3.95
N VAL B 15 -6.87 -42.28 4.21
CA VAL B 15 -7.37 -41.73 5.48
C VAL B 15 -6.79 -42.51 6.66
N ASN B 16 -6.81 -43.83 6.57
CA ASN B 16 -6.26 -44.70 7.62
C ASN B 16 -4.78 -44.33 7.89
N HIS B 17 -3.99 -44.23 6.84
CA HIS B 17 -2.58 -43.80 6.94
C HIS B 17 -2.45 -42.42 7.60
N LEU B 18 -3.30 -41.48 7.19
CA LEU B 18 -3.22 -40.11 7.71
C LEU B 18 -3.62 -39.95 9.18
N ARG B 19 -4.51 -40.81 9.67
CA ARG B 19 -5.11 -40.69 11.00
C ARG B 19 -4.11 -40.59 12.14
N SER B 20 -2.95 -41.23 11.99
CA SER B 20 -1.92 -41.23 13.02
C SER B 20 -0.77 -40.30 12.67
N ARG B 21 -0.88 -39.58 11.57
CA ARG B 21 0.27 -38.84 11.04
C ARG B 21 0.06 -37.34 10.86
N LEU B 22 -1.08 -36.80 11.30
CA LEU B 22 -1.35 -35.36 11.14
C LEU B 22 -0.92 -34.62 12.37
N ALA B 23 -0.33 -33.46 12.17
CA ALA B 23 0.09 -32.63 13.28
C ALA B 23 0.15 -31.20 12.79
N PHE B 24 0.37 -30.30 13.72
CA PHE B 24 0.61 -28.92 13.36
C PHE B 24 1.67 -28.33 14.26
N GLU B 25 2.34 -27.31 13.74
CA GLU B 25 3.38 -26.63 14.46
C GLU B 25 2.80 -25.38 15.11
N TYR B 26 3.03 -25.22 16.40
CA TYR B 26 2.45 -24.14 17.20
C TYR B 26 3.60 -23.47 17.93
N ASN B 27 3.98 -22.27 17.48
CA ASN B 27 5.17 -21.57 17.97
C ASN B 27 6.34 -22.51 18.21
N GLY B 28 6.71 -23.28 17.18
CA GLY B 28 7.89 -24.16 17.24
C GLY B 28 7.66 -25.58 17.71
N GLN B 29 6.50 -25.85 18.29
CA GLN B 29 6.19 -27.13 18.94
C GLN B 29 5.26 -27.95 18.07
N LEU B 30 5.63 -29.19 17.80
CA LEU B 30 4.82 -30.09 17.00
C LEU B 30 3.70 -30.69 17.86
N ILE B 31 2.45 -30.35 17.54
CA ILE B 31 1.29 -30.83 18.27
C ILE B 31 0.52 -31.83 17.42
N LYS B 32 0.44 -33.05 17.91
CA LYS B 32 -0.24 -34.10 17.18
C LYS B 32 -1.73 -33.86 17.19
N ILE B 33 -2.35 -34.17 16.06
CA ILE B 33 -3.79 -34.11 15.93
C ILE B 33 -4.28 -35.53 16.22
N LEU B 34 -5.30 -35.67 17.06
CA LEU B 34 -5.76 -37.01 17.46
C LEU B 34 -6.77 -37.59 16.48
N SER B 35 -6.67 -38.90 16.26
CA SER B 35 -7.56 -39.59 15.36
C SER B 35 -9.03 -39.27 15.63
N LYS B 36 -9.40 -39.16 16.91
CA LYS B 36 -10.81 -38.92 17.27
C LYS B 36 -11.30 -37.53 16.85
N ASN B 37 -10.36 -36.64 16.54
CA ASN B 37 -10.69 -35.30 16.04
C ASN B 37 -10.54 -35.18 14.54
N ILE B 38 -10.42 -36.31 13.85
CA ILE B 38 -10.38 -36.38 12.41
C ILE B 38 -11.60 -37.13 11.92
N VAL B 39 -12.44 -36.43 11.16
CA VAL B 39 -13.67 -37.01 10.61
C VAL B 39 -13.61 -37.03 9.09
N ALA B 40 -13.78 -38.20 8.50
CA ALA B 40 -13.92 -38.30 7.04
C ALA B 40 -15.29 -37.73 6.64
N VAL B 41 -15.27 -36.83 5.68
CA VAL B 41 -16.47 -36.16 5.22
C VAL B 41 -16.57 -36.27 3.69
N GLY B 42 -17.39 -35.42 3.08
CA GLY B 42 -17.47 -35.35 1.65
C GLY B 42 -17.85 -36.66 0.98
N SER B 43 -17.32 -36.85 -0.23
CA SER B 43 -17.63 -37.99 -1.08
C SER B 43 -17.30 -39.32 -0.39
N LEU B 44 -16.29 -39.28 0.47
CA LEU B 44 -15.86 -40.41 1.24
C LEU B 44 -16.93 -40.85 2.26
N ARG B 45 -17.48 -39.90 3.03
CA ARG B 45 -18.57 -40.23 3.95
C ARG B 45 -19.86 -40.61 3.20
N ARG B 46 -20.06 -40.09 2.00
CA ARG B 46 -21.22 -40.45 1.17
C ARG B 46 -21.05 -41.82 0.50
N GLU B 47 -19.88 -42.43 0.66
CA GLU B 47 -19.57 -43.76 0.14
C GLU B 47 -19.73 -43.82 -1.37
N GLU B 48 -19.28 -42.77 -2.05
CA GLU B 48 -19.29 -42.77 -3.51
C GLU B 48 -18.16 -43.65 -4.05
N LYS B 49 -18.39 -44.26 -5.21
CA LYS B 49 -17.47 -45.28 -5.76
C LYS B 49 -16.12 -44.71 -6.17
N MET B 50 -16.15 -43.57 -6.83
CA MET B 50 -14.93 -42.85 -7.22
C MET B 50 -14.89 -41.49 -6.54
N LEU B 51 -13.73 -41.10 -6.08
CA LEU B 51 -13.58 -39.84 -5.39
C LEU B 51 -12.67 -38.97 -6.25
N ASN B 52 -12.84 -37.64 -6.22
CA ASN B 52 -11.98 -36.68 -6.88
C ASN B 52 -10.93 -36.10 -5.91
N ASP B 53 -11.12 -36.40 -4.62
CA ASP B 53 -10.26 -35.91 -3.56
C ASP B 53 -10.61 -36.61 -2.25
N VAL B 54 -9.77 -36.42 -1.26
CA VAL B 54 -9.98 -36.96 0.07
C VAL B 54 -10.33 -35.84 1.04
N ASP B 55 -11.48 -35.91 1.69
CA ASP B 55 -12.01 -34.80 2.48
C ASP B 55 -12.01 -35.12 3.96
N LEU B 56 -11.25 -34.34 4.72
CA LEU B 56 -11.16 -34.52 6.17
C LEU B 56 -11.53 -33.25 6.92
N LEU B 57 -12.34 -33.45 7.97
CA LEU B 57 -12.68 -32.41 8.91
C LEU B 57 -11.88 -32.60 10.20
N ILE B 58 -11.14 -31.56 10.58
CA ILE B 58 -10.34 -31.57 11.80
C ILE B 58 -11.07 -30.76 12.87
N ILE B 59 -11.38 -31.40 13.99
CA ILE B 59 -12.02 -30.73 15.10
C ILE B 59 -10.95 -30.13 15.99
N VAL B 60 -11.05 -28.84 16.20
CA VAL B 60 -10.09 -28.11 16.98
C VAL B 60 -10.65 -27.67 18.31
N PRO B 61 -9.96 -27.93 19.42
CA PRO B 61 -10.54 -27.72 20.75
C PRO B 61 -10.65 -26.26 21.22
N GLU B 62 -9.91 -25.34 20.61
CA GLU B 62 -9.88 -23.96 21.08
C GLU B 62 -9.74 -22.93 19.95
N LYS B 63 -10.52 -21.85 20.02
CA LYS B 63 -10.49 -20.77 19.02
C LYS B 63 -9.07 -20.25 18.69
N LYS B 64 -8.26 -20.08 19.72
CA LYS B 64 -6.91 -19.52 19.57
C LYS B 64 -6.04 -20.37 18.64
N LEU B 65 -6.31 -21.67 18.58
CA LEU B 65 -5.52 -22.58 17.75
C LEU B 65 -5.78 -22.51 16.25
N LEU B 66 -6.90 -21.92 15.83
CA LEU B 66 -7.27 -21.91 14.42
C LEU B 66 -6.25 -21.21 13.54
N LYS B 67 -5.63 -20.17 14.05
CA LYS B 67 -4.59 -19.49 13.28
C LYS B 67 -3.35 -20.35 13.08
N HIS B 68 -3.26 -21.46 13.82
CA HIS B 68 -2.08 -22.31 13.78
C HIS B 68 -2.25 -23.66 13.09
N VAL B 69 -3.45 -24.24 13.12
CA VAL B 69 -3.60 -25.66 12.73
C VAL B 69 -3.35 -25.90 11.23
N LEU B 70 -4.22 -25.41 10.37
CA LEU B 70 -4.05 -25.64 8.93
C LEU B 70 -2.86 -24.86 8.34
N PRO B 71 -2.67 -23.59 8.76
CA PRO B 71 -1.52 -22.88 8.20
C PRO B 71 -0.15 -23.49 8.53
N ASN B 72 -0.07 -24.31 9.58
CA ASN B 72 1.14 -25.04 9.88
C ASN B 72 0.97 -26.56 9.91
N ILE B 73 0.15 -27.09 9.02
CA ILE B 73 -0.13 -28.52 8.98
C ILE B 73 1.14 -29.32 8.61
N ARG B 74 1.27 -30.50 9.18
CA ARG B 74 2.40 -31.36 8.93
C ARG B 74 1.85 -32.76 8.78
N ILE B 75 2.43 -33.53 7.86
CA ILE B 75 2.04 -34.91 7.67
C ILE B 75 3.32 -35.72 7.67
N LYS B 76 3.45 -36.60 8.65
CA LYS B 76 4.69 -37.34 8.84
C LYS B 76 4.92 -38.28 7.66
N GLY B 77 6.08 -38.11 7.02
CA GLY B 77 6.56 -39.06 6.01
C GLY B 77 5.95 -38.95 4.62
N LEU B 78 5.03 -38.01 4.43
CA LEU B 78 4.35 -37.86 3.15
C LEU B 78 4.77 -36.57 2.43
N SER B 79 5.08 -36.66 1.15
CA SER B 79 5.35 -35.47 0.34
C SER B 79 4.06 -34.79 -0.08
N PHE B 80 4.00 -33.47 0.11
CA PHE B 80 2.84 -32.71 -0.32
C PHE B 80 3.22 -31.28 -0.62
N SER B 81 2.34 -30.60 -1.36
CA SER B 81 2.44 -29.17 -1.59
C SER B 81 1.10 -28.50 -1.33
N VAL B 82 1.13 -27.22 -1.02
CA VAL B 82 -0.06 -26.46 -0.65
C VAL B 82 -0.61 -25.70 -1.85
N LYS B 83 -1.87 -25.95 -2.20
CA LYS B 83 -2.55 -25.19 -3.25
C LYS B 83 -3.09 -23.88 -2.68
N VAL B 84 -3.98 -23.98 -1.70
CA VAL B 84 -4.46 -22.81 -0.96
C VAL B 84 -4.59 -23.21 0.50
N CYS B 85 -4.48 -22.23 1.38
CA CYS B 85 -4.52 -22.52 2.80
C CYS B 85 -4.87 -21.31 3.64
N GLY B 86 -5.88 -21.49 4.47
CA GLY B 86 -6.28 -20.49 5.44
C GLY B 86 -6.57 -21.22 6.73
N GLU B 87 -7.26 -20.56 7.64
CA GLU B 87 -7.58 -21.14 8.94
C GLU B 87 -8.69 -22.20 8.87
N ARG B 88 -9.55 -22.09 7.85
CA ARG B 88 -10.74 -22.93 7.75
C ARG B 88 -10.71 -23.92 6.59
N LYS B 89 -9.94 -23.61 5.55
CA LYS B 89 -9.79 -24.50 4.41
C LYS B 89 -8.34 -24.57 3.98
N CYS B 90 -7.89 -25.80 3.76
CA CYS B 90 -6.58 -26.05 3.26
C CYS B 90 -6.66 -27.16 2.23
N VAL B 91 -6.14 -26.89 1.04
CA VAL B 91 -6.12 -27.87 -0.03
C VAL B 91 -4.68 -28.24 -0.34
N LEU B 92 -4.40 -29.54 -0.23
CA LEU B 92 -3.05 -30.05 -0.46
C LEU B 92 -3.04 -31.02 -1.62
N PHE B 93 -1.90 -31.09 -2.30
CA PHE B 93 -1.63 -32.18 -3.22
C PHE B 93 -0.63 -33.11 -2.56
N ILE B 94 -1.01 -34.37 -2.37
CA ILE B 94 -0.15 -35.34 -1.71
C ILE B 94 0.38 -36.38 -2.70
N GLU B 95 1.58 -36.89 -2.45
CA GLU B 95 2.15 -38.00 -3.19
C GLU B 95 1.76 -39.29 -2.49
N TRP B 96 1.14 -40.20 -3.23
CA TRP B 96 0.76 -41.48 -2.68
C TRP B 96 1.06 -42.52 -3.73
N GLU B 97 2.00 -43.41 -3.41
CA GLU B 97 2.42 -44.47 -4.33
C GLU B 97 2.85 -43.73 -5.63
N LYS B 98 2.44 -44.17 -6.81
CA LYS B 98 2.99 -43.53 -8.02
C LYS B 98 2.38 -42.14 -8.35
N LYS B 99 1.44 -41.67 -7.53
CA LYS B 99 0.48 -40.67 -7.99
C LYS B 99 0.25 -39.48 -7.03
N THR B 100 -0.23 -38.37 -7.59
CA THR B 100 -0.62 -37.20 -6.79
C THR B 100 -2.15 -37.09 -6.65
N TYR B 101 -2.61 -36.90 -5.41
CA TYR B 101 -4.04 -36.75 -5.11
C TYR B 101 -4.29 -35.48 -4.33
N GLN B 102 -5.53 -34.99 -4.38
CA GLN B 102 -5.94 -33.78 -3.69
C GLN B 102 -6.54 -34.14 -2.33
N LEU B 103 -6.00 -33.51 -1.29
CA LEU B 103 -6.43 -33.65 0.07
C LEU B 103 -7.06 -32.35 0.50
N ASP B 104 -8.35 -32.37 0.80
CA ASP B 104 -9.07 -31.18 1.26
C ASP B 104 -9.26 -31.26 2.78
N LEU B 105 -8.70 -30.29 3.48
CA LEU B 105 -8.80 -30.22 4.93
C LEU B 105 -9.65 -29.03 5.38
N PHE B 106 -10.52 -29.28 6.34
CA PHE B 106 -11.35 -28.24 6.94
C PHE B 106 -11.28 -28.30 8.47
N THR B 107 -11.50 -27.17 9.14
CA THR B 107 -11.48 -27.12 10.60
C THR B 107 -12.83 -26.70 11.14
N ALA B 108 -13.21 -27.34 12.24
CA ALA B 108 -14.35 -26.95 13.01
C ALA B 108 -14.00 -26.89 14.48
N LEU B 109 -14.59 -25.94 15.19
CA LEU B 109 -14.52 -25.90 16.64
C LEU B 109 -15.51 -26.91 17.18
N ALA B 110 -15.27 -27.35 18.40
CA ALA B 110 -16.06 -28.42 18.99
C ALA B 110 -17.57 -28.13 18.98
N GLU B 111 -17.96 -26.92 19.36
CA GLU B 111 -19.38 -26.54 19.39
C GLU B 111 -20.01 -26.46 17.98
N GLU B 112 -19.18 -26.38 16.95
CA GLU B 112 -19.66 -26.34 15.56
C GLU B 112 -19.82 -27.73 14.94
N LYS B 113 -19.31 -28.76 15.63
CA LYS B 113 -19.07 -30.07 15.03
C LYS B 113 -20.28 -30.67 14.27
N PRO B 114 -21.48 -30.74 14.90
CA PRO B 114 -22.60 -31.31 14.15
C PRO B 114 -22.95 -30.51 12.89
N TYR B 115 -22.88 -29.20 12.98
CA TYR B 115 -23.18 -28.35 11.84
C TYR B 115 -22.16 -28.55 10.73
N ALA B 116 -20.88 -28.67 11.11
CA ALA B 116 -19.81 -28.85 10.16
C ALA B 116 -19.95 -30.20 9.48
N ILE B 117 -20.21 -31.24 10.26
CA ILE B 117 -20.33 -32.58 9.65
C ILE B 117 -21.43 -32.56 8.63
N PHE B 118 -22.56 -31.93 8.97
CA PHE B 118 -23.72 -31.88 8.09
C PHE B 118 -23.41 -31.14 6.79
N HIS B 119 -22.77 -29.97 6.93
CA HIS B 119 -22.32 -29.17 5.77
C HIS B 119 -21.30 -29.91 4.87
N PHE B 120 -20.24 -30.44 5.48
CA PHE B 120 -19.20 -31.07 4.71
C PHE B 120 -19.56 -32.45 4.18
N THR B 121 -20.63 -33.03 4.71
CA THR B 121 -21.14 -34.29 4.12
C THR B 121 -21.90 -34.05 2.81
N GLY B 122 -22.69 -32.99 2.75
CA GLY B 122 -23.48 -32.71 1.55
C GLY B 122 -24.41 -33.87 1.22
N PRO B 123 -24.63 -34.16 -0.09
CA PRO B 123 -24.09 -33.47 -1.26
C PRO B 123 -24.67 -32.07 -1.39
N VAL B 124 -24.11 -31.30 -2.31
CA VAL B 124 -24.47 -29.89 -2.44
C VAL B 124 -25.95 -29.69 -2.77
N SER B 125 -26.46 -30.48 -3.70
CA SER B 125 -27.89 -30.44 -4.06
C SER B 125 -28.79 -30.53 -2.83
N TYR B 126 -28.44 -31.44 -1.93
CA TYR B 126 -29.20 -31.67 -0.68
C TYR B 126 -29.10 -30.48 0.28
N LEU B 127 -27.91 -29.94 0.45
CA LEU B 127 -27.74 -28.73 1.27
C LEU B 127 -28.59 -27.56 0.76
N ILE B 128 -28.62 -27.39 -0.56
CA ILE B 128 -29.34 -26.25 -1.16
C ILE B 128 -30.83 -26.36 -0.83
N ARG B 129 -31.35 -27.57 -0.98
CA ARG B 129 -32.76 -27.82 -0.68
C ARG B 129 -33.08 -27.53 0.79
N ILE B 130 -32.26 -28.08 1.67
CA ILE B 130 -32.46 -27.93 3.12
C ILE B 130 -32.35 -26.48 3.53
N ARG B 131 -31.32 -25.81 3.04
CA ARG B 131 -31.12 -24.38 3.36
C ARG B 131 -32.24 -23.48 2.82
N ALA B 132 -32.74 -23.79 1.62
CA ALA B 132 -33.85 -23.05 1.01
C ALA B 132 -35.13 -23.16 1.86
N ALA B 133 -35.42 -24.37 2.35
CA ALA B 133 -36.61 -24.60 3.16
C ALA B 133 -36.54 -23.84 4.50
N LEU B 134 -35.35 -23.87 5.11
CA LEU B 134 -35.13 -23.12 6.35
C LEU B 134 -35.18 -21.63 6.09
N LYS B 135 -34.66 -21.19 4.93
CA LYS B 135 -34.68 -19.77 4.57
C LYS B 135 -36.09 -19.20 4.44
N LYS B 136 -37.03 -20.03 3.96
CA LYS B 136 -38.44 -19.64 3.88
C LYS B 136 -39.06 -19.35 5.25
N LYS B 137 -38.51 -19.96 6.30
CA LYS B 137 -38.95 -19.71 7.68
C LYS B 137 -38.05 -18.69 8.40
N ASN B 138 -37.29 -17.92 7.62
CA ASN B 138 -36.39 -16.91 8.15
C ASN B 138 -35.21 -17.47 9.01
N TYR B 139 -34.75 -18.68 8.71
CA TYR B 139 -33.53 -19.22 9.31
C TYR B 139 -32.37 -19.20 8.31
N LYS B 140 -31.14 -19.19 8.83
CA LYS B 140 -29.94 -19.36 8.00
C LYS B 140 -29.08 -20.46 8.62
N LEU B 141 -28.85 -21.51 7.85
CA LEU B 141 -28.03 -22.63 8.28
C LEU B 141 -26.71 -22.64 7.54
N ASN B 142 -25.63 -22.80 8.29
CA ASN B 142 -24.31 -22.97 7.71
C ASN B 142 -23.49 -23.98 8.52
N GLN B 143 -22.20 -24.08 8.22
CA GLN B 143 -21.29 -25.02 8.90
C GLN B 143 -20.97 -24.68 10.36
N TYR B 144 -21.43 -23.51 10.82
CA TYR B 144 -21.15 -23.00 12.16
C TYR B 144 -22.32 -23.06 13.12
N GLY B 145 -23.54 -23.04 12.60
CA GLY B 145 -24.71 -22.99 13.45
C GLY B 145 -25.99 -22.69 12.69
N LEU B 146 -27.09 -22.58 13.43
CA LEU B 146 -28.38 -22.16 12.90
C LEU B 146 -28.64 -20.76 13.41
N PHE B 147 -29.01 -19.87 12.52
CA PHE B 147 -29.20 -18.46 12.84
C PHE B 147 -30.59 -17.97 12.42
N LYS B 148 -31.13 -17.05 13.21
CA LYS B 148 -32.33 -16.31 12.81
C LYS B 148 -32.10 -14.85 13.13
N ASN B 149 -32.33 -13.99 12.14
CA ASN B 149 -32.06 -12.55 12.26
C ASN B 149 -30.64 -12.27 12.72
N GLN B 150 -29.72 -12.99 12.10
CA GLN B 150 -28.29 -12.87 12.34
C GLN B 150 -27.89 -13.22 13.79
N THR B 151 -28.71 -14.02 14.49
CA THR B 151 -28.47 -14.39 15.90
C THR B 151 -28.49 -15.91 16.05
N LEU B 152 -27.52 -16.44 16.77
CA LEU B 152 -27.38 -17.90 16.92
C LEU B 152 -28.58 -18.47 17.65
N VAL B 153 -29.19 -19.50 17.08
CA VAL B 153 -30.27 -20.23 17.73
C VAL B 153 -29.66 -21.39 18.51
N PRO B 154 -29.59 -21.27 19.84
CA PRO B 154 -28.95 -22.32 20.59
C PRO B 154 -29.80 -23.59 20.63
N LEU B 155 -29.37 -24.63 19.92
CA LEU B 155 -30.07 -25.92 19.93
C LEU B 155 -29.38 -26.86 20.91
N LYS B 156 -30.18 -27.71 21.56
CA LYS B 156 -29.67 -28.70 22.51
C LYS B 156 -29.34 -29.96 21.76
N ILE B 157 -28.23 -29.94 21.01
CA ILE B 157 -27.76 -31.16 20.34
C ILE B 157 -26.29 -31.42 20.45
N THR B 158 -25.89 -32.66 20.20
CA THR B 158 -24.49 -33.06 20.19
C THR B 158 -24.07 -33.68 18.86
N THR B 159 -24.98 -34.43 18.24
CA THR B 159 -24.68 -35.21 17.04
C THR B 159 -25.37 -34.62 15.81
N GLU B 160 -24.87 -35.01 14.64
CA GLU B 160 -25.48 -34.64 13.36
C GLU B 160 -26.94 -35.16 13.24
N LYS B 161 -27.18 -36.40 13.67
CA LYS B 161 -28.53 -36.97 13.63
C LYS B 161 -29.53 -36.13 14.44
N GLU B 162 -29.15 -35.76 15.65
CA GLU B 162 -29.99 -34.92 16.51
C GLU B 162 -30.27 -33.55 15.87
N LEU B 163 -29.24 -33.00 15.23
CA LEU B 163 -29.39 -31.75 14.51
C LEU B 163 -30.42 -31.86 13.41
N ILE B 164 -30.30 -32.89 12.58
CA ILE B 164 -31.18 -33.09 11.43
C ILE B 164 -32.65 -33.17 11.86
N LYS B 165 -32.90 -33.95 12.90
CA LYS B 165 -34.26 -34.12 13.43
C LYS B 165 -34.77 -32.83 14.09
N GLU B 166 -33.92 -32.15 14.84
CA GLU B 166 -34.30 -30.86 15.44
C GLU B 166 -34.62 -29.79 14.37
N LEU B 167 -33.96 -29.85 13.21
CA LEU B 167 -34.27 -28.95 12.09
C LEU B 167 -35.60 -29.29 11.42
N GLY B 168 -36.12 -30.49 11.66
CA GLY B 168 -37.42 -30.89 11.15
C GLY B 168 -37.37 -31.60 9.82
N PHE B 169 -36.25 -32.25 9.53
CA PHE B 169 -36.11 -33.03 8.31
C PHE B 169 -35.96 -34.52 8.64
N THR B 170 -36.20 -35.35 7.62
CA THR B 170 -36.06 -36.79 7.72
C THR B 170 -34.58 -37.16 7.79
N TYR B 171 -34.21 -37.96 8.80
CA TYR B 171 -32.85 -38.43 8.88
C TYR B 171 -32.58 -39.51 7.84
N ARG B 172 -31.57 -39.28 7.02
CA ARG B 172 -31.11 -40.27 6.05
C ARG B 172 -29.60 -40.47 6.21
N ILE B 173 -29.16 -41.71 6.08
CA ILE B 173 -27.74 -42.00 6.15
C ILE B 173 -27.04 -41.25 4.99
N PRO B 174 -25.79 -40.85 5.21
CA PRO B 174 -25.08 -40.00 4.23
C PRO B 174 -25.20 -40.49 2.78
N LYS B 175 -25.04 -41.78 2.58
CA LYS B 175 -25.14 -42.42 1.27
C LYS B 175 -26.45 -42.14 0.52
N LYS B 176 -27.53 -41.92 1.26
CA LYS B 176 -28.86 -41.75 0.66
C LYS B 176 -29.34 -40.30 0.56
N ARG B 177 -28.50 -39.34 0.95
CA ARG B 177 -28.89 -37.93 0.88
C ARG B 177 -28.74 -37.43 -0.56
N LEU B 178 -29.78 -36.79 -1.07
CA LEU B 178 -29.76 -36.26 -2.44
C LEU B 178 -30.59 -34.98 -2.54
N GLY C 2 24.64 20.10 5.13
CA GLY C 2 25.11 19.35 3.93
C GLY C 2 26.09 20.15 3.10
N GLY C 3 25.74 21.40 2.79
CA GLY C 3 26.56 22.26 1.95
C GLY C 3 27.43 23.25 2.71
N GLY C 4 28.59 23.56 2.13
CA GLY C 4 29.54 24.46 2.77
C GLY C 4 29.12 25.90 2.60
N MET C 5 29.71 26.80 3.40
CA MET C 5 29.51 28.23 3.22
C MET C 5 30.39 28.79 2.08
N LEU C 6 29.87 29.81 1.40
CA LEU C 6 30.49 30.42 0.22
C LEU C 6 30.59 31.91 0.43
N THR C 7 31.60 32.54 -0.17
CA THR C 7 31.61 34.00 -0.26
C THR C 7 30.68 34.44 -1.38
N LEU C 8 30.32 35.73 -1.36
CA LEU C 8 29.48 36.32 -2.40
C LEU C 8 30.10 36.11 -3.78
N ILE C 9 31.41 36.34 -3.87
CA ILE C 9 32.16 36.14 -5.11
C ILE C 9 32.08 34.70 -5.63
N GLN C 10 32.32 33.73 -4.76
CA GLN C 10 32.25 32.30 -5.15
C GLN C 10 30.85 31.98 -5.66
N GLY C 11 29.83 32.50 -4.98
CA GLY C 11 28.44 32.32 -5.39
C GLY C 11 28.15 32.84 -6.78
N LYS C 12 28.63 34.06 -7.05
CA LYS C 12 28.44 34.67 -8.36
C LYS C 12 29.17 33.90 -9.46
N LYS C 13 30.36 33.42 -9.18
CA LYS C 13 31.08 32.57 -10.13
C LYS C 13 30.29 31.30 -10.48
N ILE C 14 29.69 30.69 -9.46
CA ILE C 14 28.89 29.50 -9.67
C ILE C 14 27.66 29.79 -10.55
N VAL C 15 26.94 30.86 -10.22
CA VAL C 15 25.79 31.26 -11.02
C VAL C 15 26.17 31.52 -12.47
N ASN C 16 27.27 32.24 -12.68
CA ASN C 16 27.75 32.50 -14.03
C ASN C 16 27.97 31.19 -14.82
N HIS C 17 28.63 30.23 -14.20
CA HIS C 17 28.87 28.91 -14.78
C HIS C 17 27.55 28.23 -15.11
N LEU C 18 26.59 28.30 -14.18
CA LEU C 18 25.29 27.62 -14.36
C LEU C 18 24.37 28.23 -15.44
N ARG C 19 24.50 29.54 -15.68
CA ARG C 19 23.59 30.27 -16.58
C ARG C 19 23.47 29.70 -17.99
N SER C 20 24.53 29.09 -18.49
CA SER C 20 24.54 28.54 -19.84
C SER C 20 24.42 27.03 -19.82
N ARG C 21 24.22 26.43 -18.65
CA ARG C 21 24.34 24.99 -18.51
C ARG C 21 23.11 24.28 -17.93
N LEU C 22 22.04 25.00 -17.69
CA LEU C 22 20.82 24.40 -17.14
C LEU C 22 19.89 23.98 -18.25
N ALA C 23 19.26 22.82 -18.08
CA ALA C 23 18.35 22.35 -19.05
C ALA C 23 17.41 21.39 -18.37
N PHE C 24 16.38 20.97 -19.09
CA PHE C 24 15.52 19.90 -18.58
C PHE C 24 15.08 18.99 -19.69
N GLU C 25 14.76 17.76 -19.32
CA GLU C 25 14.34 16.75 -20.29
C GLU C 25 12.83 16.69 -20.31
N TYR C 26 12.26 16.78 -21.51
CA TYR C 26 10.81 16.85 -21.70
C TYR C 26 10.46 15.77 -22.70
N ASN C 27 9.86 14.67 -22.20
CA ASN C 27 9.58 13.49 -23.03
C ASN C 27 10.70 13.16 -24.02
N GLY C 28 11.92 13.02 -23.49
CA GLY C 28 13.06 12.59 -24.29
C GLY C 28 13.90 13.69 -24.93
N GLN C 29 13.39 14.92 -24.95
CA GLN C 29 14.06 16.06 -25.59
C GLN C 29 14.70 16.99 -24.57
N LEU C 30 15.99 17.28 -24.75
CA LEU C 30 16.71 18.19 -23.85
C LEU C 30 16.39 19.63 -24.24
N ILE C 31 15.73 20.34 -23.33
CA ILE C 31 15.32 21.71 -23.56
C ILE C 31 16.19 22.63 -22.70
N LYS C 32 16.95 23.49 -23.36
CA LYS C 32 17.82 24.39 -22.64
C LYS C 32 16.98 25.43 -21.95
N ILE C 33 17.42 25.81 -20.76
CA ILE C 33 16.80 26.90 -20.04
C ILE C 33 17.60 28.13 -20.44
N LEU C 34 16.93 29.24 -20.74
CA LEU C 34 17.63 30.44 -21.19
C LEU C 34 18.09 31.30 -20.03
N SER C 35 19.27 31.88 -20.16
CA SER C 35 19.83 32.74 -19.15
C SER C 35 18.83 33.79 -18.66
N LYS C 36 18.06 34.38 -19.58
CA LYS C 36 17.13 35.47 -19.24
C LYS C 36 15.97 34.99 -18.35
N ASN C 37 15.78 33.67 -18.29
CA ASN C 37 14.78 33.05 -17.42
C ASN C 37 15.39 32.46 -16.15
N ILE C 38 16.64 32.82 -15.88
CA ILE C 38 17.32 32.44 -14.64
C ILE C 38 17.61 33.70 -13.84
N VAL C 39 17.00 33.79 -12.67
CA VAL C 39 17.20 34.95 -11.78
C VAL C 39 17.88 34.56 -10.48
N ALA C 40 19.00 35.21 -10.17
CA ALA C 40 19.63 35.01 -8.86
C ALA C 40 18.77 35.67 -7.81
N VAL C 41 18.45 34.92 -6.76
CA VAL C 41 17.59 35.42 -5.69
C VAL C 41 18.26 35.18 -4.34
N GLY C 42 17.49 35.26 -3.27
CA GLY C 42 18.00 34.96 -1.95
C GLY C 42 19.17 35.82 -1.51
N SER C 43 20.03 35.21 -0.73
CA SER C 43 21.16 35.92 -0.10
C SER C 43 22.08 36.53 -1.14
N LEU C 44 22.10 35.93 -2.32
CA LEU C 44 22.90 36.42 -3.43
C LEU C 44 22.36 37.71 -4.00
N ARG C 45 21.06 37.77 -4.20
CA ARG C 45 20.48 39.05 -4.63
C ARG C 45 20.55 40.13 -3.54
N ARG C 46 20.53 39.73 -2.27
CA ARG C 46 20.68 40.69 -1.16
C ARG C 46 22.13 41.14 -0.98
N GLU C 47 23.05 40.57 -1.76
CA GLU C 47 24.47 40.92 -1.73
C GLU C 47 25.08 40.74 -0.34
N GLU C 48 24.70 39.66 0.32
CA GLU C 48 25.28 39.32 1.60
C GLU C 48 26.71 38.78 1.40
N LYS C 49 27.58 39.05 2.38
CA LYS C 49 29.01 38.73 2.26
C LYS C 49 29.27 37.23 2.18
N MET C 50 28.59 36.46 3.02
CA MET C 50 28.71 34.99 3.03
C MET C 50 27.36 34.34 2.74
N LEU C 51 27.40 33.27 1.99
CA LEU C 51 26.20 32.55 1.60
C LEU C 51 26.18 31.14 2.21
N ASN C 52 24.99 30.62 2.52
CA ASN C 52 24.84 29.22 2.95
C ASN C 52 24.46 28.31 1.77
N ASP C 53 24.09 28.91 0.65
CA ASP C 53 23.61 28.20 -0.54
C ASP C 53 23.49 29.19 -1.69
N VAL C 54 23.31 28.65 -2.88
CA VAL C 54 23.07 29.48 -4.04
C VAL C 54 21.63 29.31 -4.48
N ASP C 55 20.93 30.43 -4.62
CA ASP C 55 19.49 30.43 -4.85
C ASP C 55 19.17 30.96 -6.24
N LEU C 56 18.52 30.11 -7.04
CA LEU C 56 18.09 30.49 -8.39
C LEU C 56 16.61 30.27 -8.62
N LEU C 57 16.00 31.27 -9.25
CA LEU C 57 14.62 31.22 -9.67
C LEU C 57 14.57 31.02 -11.18
N ILE C 58 13.89 29.97 -11.59
CA ILE C 58 13.72 29.65 -13.00
C ILE C 58 12.33 30.03 -13.44
N ILE C 59 12.25 30.89 -14.44
CA ILE C 59 10.96 31.32 -14.97
C ILE C 59 10.53 30.40 -16.08
N VAL C 60 9.35 29.85 -15.93
CA VAL C 60 8.81 28.84 -16.82
C VAL C 60 7.63 29.36 -17.63
N PRO C 61 7.66 29.25 -18.96
CA PRO C 61 6.67 29.94 -19.80
C PRO C 61 5.27 29.36 -19.82
N GLU C 62 5.10 28.09 -19.43
CA GLU C 62 3.80 27.43 -19.52
C GLU C 62 3.55 26.49 -18.34
N LYS C 63 2.32 26.55 -17.81
CA LYS C 63 1.89 25.67 -16.70
C LYS C 63 2.21 24.18 -16.93
N LYS C 64 1.97 23.71 -18.15
CA LYS C 64 2.15 22.30 -18.50
C LYS C 64 3.60 21.83 -18.30
N LEU C 65 4.55 22.73 -18.41
CA LEU C 65 5.97 22.39 -18.25
C LEU C 65 6.43 22.18 -16.80
N LEU C 66 5.67 22.64 -15.80
CA LEU C 66 6.10 22.57 -14.42
C LEU C 66 6.33 21.17 -13.94
N LYS C 67 5.51 20.23 -14.40
CA LYS C 67 5.75 18.83 -14.04
C LYS C 67 7.04 18.27 -14.63
N HIS C 68 7.65 18.98 -15.59
CA HIS C 68 8.85 18.51 -16.29
C HIS C 68 10.16 19.21 -15.91
N VAL C 69 10.10 20.47 -15.52
CA VAL C 69 11.35 21.26 -15.42
C VAL C 69 12.28 20.81 -14.30
N LEU C 70 11.89 21.04 -13.04
CA LEU C 70 12.75 20.66 -11.91
C LEU C 70 12.87 19.14 -11.77
N PRO C 71 11.75 18.42 -11.91
CA PRO C 71 11.91 16.96 -11.77
C PRO C 71 12.84 16.30 -12.81
N ASN C 72 13.08 16.95 -13.95
CA ASN C 72 14.05 16.46 -14.93
C ASN C 72 15.20 17.43 -15.21
N ILE C 73 15.66 18.14 -14.18
CA ILE C 73 16.73 19.14 -14.33
C ILE C 73 18.03 18.45 -14.74
N ARG C 74 18.82 19.14 -15.56
CA ARG C 74 20.10 18.66 -16.02
C ARG C 74 21.06 19.84 -15.92
N ILE C 75 22.29 19.55 -15.51
CA ILE C 75 23.34 20.57 -15.44
C ILE C 75 24.52 19.99 -16.17
N LYS C 76 24.87 20.60 -17.29
CA LYS C 76 25.94 20.08 -18.13
C LYS C 76 27.29 20.11 -17.41
N GLY C 77 27.92 18.94 -17.31
CA GLY C 77 29.29 18.80 -16.84
C GLY C 77 29.50 18.83 -15.34
N LEU C 78 28.45 19.09 -14.56
CA LEU C 78 28.59 19.27 -13.12
C LEU C 78 28.06 18.07 -12.37
N SER C 79 28.80 17.60 -11.37
CA SER C 79 28.32 16.48 -10.52
C SER C 79 27.40 17.02 -9.45
N PHE C 80 26.22 16.41 -9.32
CA PHE C 80 25.31 16.80 -8.30
C PHE C 80 24.44 15.61 -7.86
N SER C 81 23.83 15.77 -6.69
CA SER C 81 22.82 14.83 -6.21
C SER C 81 21.59 15.60 -5.74
N VAL C 82 20.44 14.92 -5.75
CA VAL C 82 19.18 15.53 -5.41
C VAL C 82 18.83 15.24 -3.94
N LYS C 83 18.63 16.29 -3.15
CA LYS C 83 18.20 16.13 -1.77
C LYS C 83 16.66 15.99 -1.74
N VAL C 84 15.95 16.98 -2.25
CA VAL C 84 14.50 16.90 -2.43
C VAL C 84 14.16 17.57 -3.73
N CYS C 85 13.05 17.15 -4.33
CA CYS C 85 12.65 17.72 -5.60
C CYS C 85 11.17 17.56 -5.87
N GLY C 86 10.53 18.66 -6.22
CA GLY C 86 9.16 18.68 -6.72
C GLY C 86 9.09 19.64 -7.87
N GLU C 87 7.88 20.07 -8.23
CA GLU C 87 7.67 20.97 -9.36
C GLU C 87 8.09 22.41 -9.05
N ARG C 88 8.06 22.76 -7.77
CA ARG C 88 8.31 24.16 -7.34
C ARG C 88 9.60 24.39 -6.58
N LYS C 89 10.09 23.34 -5.92
CA LYS C 89 11.36 23.43 -5.20
C LYS C 89 12.22 22.20 -5.47
N CYS C 90 13.48 22.47 -5.77
CA CYS C 90 14.46 21.42 -5.96
C CYS C 90 15.73 21.82 -5.26
N VAL C 91 16.20 20.96 -4.37
CA VAL C 91 17.45 21.26 -3.64
C VAL C 91 18.50 20.26 -4.06
N LEU C 92 19.63 20.77 -4.54
CA LEU C 92 20.70 19.94 -5.03
C LEU C 92 21.98 20.19 -4.24
N PHE C 93 22.80 19.15 -4.13
CA PHE C 93 24.18 19.31 -3.67
C PHE C 93 25.09 19.19 -4.87
N ILE C 94 25.86 20.24 -5.13
CA ILE C 94 26.72 20.27 -6.31
C ILE C 94 28.18 20.17 -5.87
N GLU C 95 29.02 19.57 -6.72
CA GLU C 95 30.46 19.59 -6.53
C GLU C 95 31.04 20.76 -7.32
N TRP C 96 31.80 21.59 -6.63
CA TRP C 96 32.44 22.75 -7.23
C TRP C 96 33.83 22.87 -6.64
N GLU C 97 34.85 22.73 -7.49
CA GLU C 97 36.26 22.81 -7.06
C GLU C 97 36.52 22.02 -5.78
N LYS C 98 36.18 20.73 -5.84
CA LYS C 98 36.44 19.78 -4.76
C LYS C 98 35.70 20.07 -3.43
N LYS C 99 34.75 21.01 -3.43
CA LYS C 99 33.85 21.21 -2.30
C LYS C 99 32.38 21.03 -2.72
N THR C 100 31.53 20.68 -1.74
CA THR C 100 30.10 20.49 -1.95
C THR C 100 29.31 21.71 -1.48
N TYR C 101 28.41 22.21 -2.32
CA TYR C 101 27.54 23.32 -1.96
C TYR C 101 26.10 22.98 -2.26
N GLN C 102 25.21 23.68 -1.58
CA GLN C 102 23.78 23.53 -1.77
C GLN C 102 23.26 24.53 -2.81
N LEU C 103 22.56 24.03 -3.80
CA LEU C 103 21.94 24.81 -4.83
C LEU C 103 20.45 24.66 -4.70
N ASP C 104 19.78 25.75 -4.41
CA ASP C 104 18.33 25.78 -4.23
C ASP C 104 17.68 26.33 -5.50
N LEU C 105 16.87 25.52 -6.15
CA LEU C 105 16.17 25.93 -7.36
C LEU C 105 14.68 26.05 -7.12
N PHE C 106 14.11 27.14 -7.65
CA PHE C 106 12.67 27.37 -7.57
C PHE C 106 12.12 27.73 -8.93
N THR C 107 10.82 27.45 -9.16
CA THR C 107 10.16 27.78 -10.43
C THR C 107 9.05 28.78 -10.22
N ALA C 108 8.96 29.73 -11.16
CA ALA C 108 7.84 30.63 -11.26
C ALA C 108 7.32 30.68 -12.68
N LEU C 109 6.00 30.76 -12.81
CA LEU C 109 5.38 31.05 -14.09
C LEU C 109 5.59 32.52 -14.40
N ALA C 110 5.53 32.88 -15.68
CA ALA C 110 5.80 34.24 -16.15
C ALA C 110 4.92 35.25 -15.41
N GLU C 111 3.63 34.97 -15.27
CA GLU C 111 2.71 35.93 -14.62
C GLU C 111 2.96 36.05 -13.09
N GLU C 112 3.69 35.10 -12.52
CA GLU C 112 4.05 35.12 -11.10
C GLU C 112 5.38 35.85 -10.83
N LYS C 113 6.12 36.15 -11.90
CA LYS C 113 7.53 36.54 -11.79
C LYS C 113 7.83 37.66 -10.75
N PRO C 114 7.09 38.77 -10.81
CA PRO C 114 7.40 39.84 -9.82
C PRO C 114 7.14 39.40 -8.38
N TYR C 115 6.10 38.62 -8.17
CA TYR C 115 5.77 38.13 -6.84
C TYR C 115 6.81 37.17 -6.33
N ALA C 116 7.28 36.29 -7.22
CA ALA C 116 8.29 35.30 -6.89
C ALA C 116 9.62 35.98 -6.57
N ILE C 117 10.00 36.95 -7.38
CA ILE C 117 11.27 37.65 -7.12
C ILE C 117 11.22 38.32 -5.75
N PHE C 118 10.10 38.95 -5.45
CA PHE C 118 9.92 39.65 -4.17
C PHE C 118 10.00 38.68 -3.00
N HIS C 119 9.27 37.56 -3.11
CA HIS C 119 9.32 36.50 -2.08
C HIS C 119 10.73 35.91 -1.89
N PHE C 120 11.35 35.46 -2.98
CA PHE C 120 12.61 34.76 -2.90
C PHE C 120 13.77 35.69 -2.62
N THR C 121 13.56 37.00 -2.73
CA THR C 121 14.59 37.95 -2.33
C THR C 121 14.62 38.11 -0.80
N GLY C 122 13.46 38.16 -0.15
CA GLY C 122 13.38 38.38 1.28
C GLY C 122 14.03 39.71 1.69
N PRO C 123 14.72 39.75 2.85
CA PRO C 123 14.89 38.66 3.82
C PRO C 123 13.58 38.35 4.52
N VAL C 124 13.59 37.28 5.32
CA VAL C 124 12.37 36.76 5.92
C VAL C 124 11.70 37.78 6.86
N SER C 125 12.48 38.42 7.70
CA SER C 125 11.98 39.47 8.60
C SER C 125 11.16 40.51 7.85
N TYR C 126 11.66 40.90 6.68
CA TYR C 126 11.02 41.92 5.84
C TYR C 126 9.71 41.41 5.25
N LEU C 127 9.72 40.18 4.75
CA LEU C 127 8.49 39.58 4.24
C LEU C 127 7.40 39.51 5.31
N ILE C 128 7.78 39.15 6.52
CA ILE C 128 6.82 39.01 7.62
C ILE C 128 6.15 40.34 7.93
N ARG C 129 6.96 41.40 7.97
CA ARG C 129 6.43 42.73 8.22
C ARG C 129 5.45 43.16 7.14
N ILE C 130 5.87 42.99 5.89
CA ILE C 130 5.07 43.40 4.73
C ILE C 130 3.77 42.60 4.67
N ARG C 131 3.89 41.30 4.85
CA ARG C 131 2.69 40.46 4.82
C ARG C 131 1.71 40.76 5.96
N ALA C 132 2.25 41.08 7.14
CA ALA C 132 1.43 41.41 8.31
C ALA C 132 0.60 42.66 8.06
N ALA C 133 1.23 43.67 7.45
CA ALA C 133 0.55 44.92 7.13
C ALA C 133 -0.56 44.73 6.09
N LEU C 134 -0.28 43.91 5.08
CA LEU C 134 -1.28 43.60 4.07
C LEU C 134 -2.40 42.74 4.66
N LYS C 135 -2.05 41.83 5.56
CA LYS C 135 -3.04 40.99 6.25
C LYS C 135 -4.06 41.79 7.07
N LYS C 136 -3.61 42.90 7.69
CA LYS C 136 -4.51 43.81 8.41
C LYS C 136 -5.57 44.42 7.52
N LYS C 137 -5.28 44.55 6.22
CA LYS C 137 -6.25 45.03 5.23
C LYS C 137 -6.96 43.90 4.47
N ASN C 138 -6.92 42.69 5.03
CA ASN C 138 -7.54 41.50 4.41
C ASN C 138 -6.95 41.09 3.05
N TYR C 139 -5.66 41.34 2.85
CA TYR C 139 -4.95 40.81 1.71
C TYR C 139 -4.05 39.65 2.15
N LYS C 140 -3.73 38.77 1.20
CA LYS C 140 -2.72 37.72 1.40
C LYS C 140 -1.72 37.75 0.25
N LEU C 141 -0.46 37.99 0.60
CA LEU C 141 0.61 38.06 -0.39
C LEU C 141 1.49 36.82 -0.29
N ASN C 142 1.78 36.21 -1.43
CA ASN C 142 2.71 35.09 -1.49
C ASN C 142 3.51 35.16 -2.78
N GLN C 143 4.24 34.10 -3.08
CA GLN C 143 5.10 34.05 -4.25
C GLN C 143 4.37 33.92 -5.59
N TYR C 144 3.04 33.74 -5.53
CA TYR C 144 2.19 33.57 -6.70
C TYR C 144 1.37 34.80 -7.07
N GLY C 145 1.08 35.66 -6.11
CA GLY C 145 0.18 36.76 -6.36
C GLY C 145 -0.25 37.45 -5.10
N LEU C 146 -1.11 38.46 -5.29
CA LEU C 146 -1.81 39.10 -4.19
C LEU C 146 -3.25 38.66 -4.24
N PHE C 147 -3.77 38.30 -3.08
CA PHE C 147 -5.11 37.75 -2.96
C PHE C 147 -5.95 38.50 -1.94
N LYS C 148 -7.23 38.57 -2.20
CA LYS C 148 -8.21 39.04 -1.24
C LYS C 148 -9.43 38.13 -1.32
N ASN C 149 -9.86 37.61 -0.18
CA ASN C 149 -10.95 36.63 -0.11
C ASN C 149 -10.70 35.45 -1.02
N GLN C 150 -9.46 34.96 -0.96
CA GLN C 150 -9.01 33.80 -1.69
C GLN C 150 -9.11 33.98 -3.21
N THR C 151 -9.11 35.23 -3.68
CA THR C 151 -9.27 35.53 -5.10
C THR C 151 -8.10 36.42 -5.55
N LEU C 152 -7.53 36.10 -6.71
CA LEU C 152 -6.37 36.82 -7.21
C LEU C 152 -6.76 38.26 -7.50
N VAL C 153 -5.99 39.18 -6.97
CA VAL C 153 -6.17 40.60 -7.27
C VAL C 153 -5.32 40.91 -8.49
N PRO C 154 -5.96 41.12 -9.65
CA PRO C 154 -5.14 41.32 -10.84
C PRO C 154 -4.50 42.71 -10.84
N LEU C 155 -3.20 42.77 -10.58
CA LEU C 155 -2.48 44.02 -10.62
C LEU C 155 -1.86 44.13 -12.00
N LYS C 156 -1.80 45.35 -12.53
CA LYS C 156 -1.22 45.57 -13.86
C LYS C 156 0.25 45.98 -13.72
N ILE C 157 1.10 45.00 -13.41
CA ILE C 157 2.52 45.25 -13.18
C ILE C 157 3.35 44.18 -13.92
N THR C 158 4.61 44.51 -14.16
CA THR C 158 5.55 43.60 -14.83
C THR C 158 6.80 43.35 -13.98
N THR C 159 7.25 44.36 -13.24
CA THR C 159 8.48 44.27 -12.47
C THR C 159 8.22 44.22 -10.98
N GLU C 160 9.23 43.77 -10.23
CA GLU C 160 9.20 43.79 -8.75
C GLU C 160 9.04 45.20 -8.18
N LYS C 161 9.76 46.17 -8.76
CA LYS C 161 9.63 47.57 -8.32
C LYS C 161 8.18 48.10 -8.43
N GLU C 162 7.54 47.85 -9.57
CA GLU C 162 6.14 48.24 -9.79
C GLU C 162 5.20 47.57 -8.77
N LEU C 163 5.47 46.31 -8.47
CA LEU C 163 4.69 45.57 -7.49
C LEU C 163 4.80 46.23 -6.11
N ILE C 164 6.03 46.55 -5.70
CA ILE C 164 6.29 47.08 -4.38
C ILE C 164 5.52 48.38 -4.18
N LYS C 165 5.60 49.24 -5.20
CA LYS C 165 4.93 50.54 -5.14
C LYS C 165 3.41 50.41 -5.22
N GLU C 166 2.91 49.52 -6.06
CA GLU C 166 1.48 49.22 -6.11
C GLU C 166 0.94 48.67 -4.77
N LEU C 167 1.75 47.93 -4.03
CA LEU C 167 1.37 47.44 -2.70
C LEU C 167 1.35 48.54 -1.65
N GLY C 168 1.99 49.67 -1.94
CA GLY C 168 1.98 50.84 -1.06
C GLY C 168 3.17 50.94 -0.12
N PHE C 169 4.26 50.24 -0.43
CA PHE C 169 5.44 50.26 0.40
C PHE C 169 6.56 51.00 -0.29
N THR C 170 7.53 51.45 0.51
CA THR C 170 8.71 52.15 0.01
C THR C 170 9.62 51.19 -0.74
N TYR C 171 10.01 51.54 -1.96
CA TYR C 171 10.94 50.74 -2.71
C TYR C 171 12.35 50.89 -2.14
N ARG C 172 12.96 49.76 -1.79
CA ARG C 172 14.34 49.71 -1.37
C ARG C 172 15.08 48.65 -2.16
N ILE C 173 16.33 48.94 -2.52
CA ILE C 173 17.15 47.97 -3.22
C ILE C 173 17.32 46.73 -2.31
N PRO C 174 17.45 45.53 -2.92
CA PRO C 174 17.46 44.28 -2.14
C PRO C 174 18.39 44.30 -0.95
N LYS C 175 19.58 44.85 -1.13
CA LYS C 175 20.58 44.95 -0.08
C LYS C 175 20.10 45.68 1.19
N LYS C 176 19.16 46.61 1.03
CA LYS C 176 18.70 47.46 2.12
C LYS C 176 17.37 47.03 2.74
N ARG C 177 16.80 45.93 2.28
CA ARG C 177 15.52 45.45 2.83
C ARG C 177 15.73 44.73 4.14
N LEU C 178 14.89 45.03 5.12
CA LEU C 178 15.00 44.43 6.46
C LEU C 178 13.65 44.48 7.21
N GLY D 2 18.33 5.54 -2.28
CA GLY D 2 19.58 5.34 -1.50
C GLY D 2 19.73 3.92 -0.97
N GLY D 3 18.68 3.42 -0.32
CA GLY D 3 18.70 2.11 0.31
C GLY D 3 18.07 1.01 -0.51
N GLY D 4 18.57 -0.22 -0.32
CA GLY D 4 18.03 -1.38 -1.02
C GLY D 4 16.73 -1.82 -0.37
N MET D 5 15.96 -2.62 -1.08
CA MET D 5 14.75 -3.19 -0.50
C MET D 5 15.09 -4.42 0.32
N LEU D 6 14.30 -4.66 1.36
CA LEU D 6 14.54 -5.72 2.33
C LEU D 6 13.33 -6.60 2.43
N THR D 7 13.52 -7.88 2.74
CA THR D 7 12.39 -8.72 3.13
C THR D 7 12.02 -8.40 4.57
N LEU D 8 10.81 -8.80 4.96
CA LEU D 8 10.36 -8.64 6.32
C LEU D 8 11.33 -9.31 7.31
N ILE D 9 11.77 -10.52 6.98
CA ILE D 9 12.72 -11.25 7.83
C ILE D 9 14.07 -10.52 7.99
N GLN D 10 14.62 -9.99 6.90
CA GLN D 10 15.86 -9.21 6.96
C GLN D 10 15.69 -7.98 7.85
N GLY D 11 14.54 -7.30 7.70
CA GLY D 11 14.22 -6.14 8.52
C GLY D 11 14.19 -6.47 10.01
N LYS D 12 13.52 -7.56 10.36
CA LYS D 12 13.43 -7.99 11.76
C LYS D 12 14.79 -8.35 12.34
N LYS D 13 15.62 -9.02 11.55
CA LYS D 13 17.00 -9.31 11.97
C LYS D 13 17.81 -8.04 12.27
N ILE D 14 17.63 -7.02 11.43
CA ILE D 14 18.31 -5.75 11.63
C ILE D 14 17.85 -5.07 12.91
N VAL D 15 16.52 -5.02 13.11
CA VAL D 15 15.97 -4.43 14.33
C VAL D 15 16.51 -5.15 15.57
N ASN D 16 16.53 -6.48 15.54
CA ASN D 16 17.06 -7.25 16.66
C ASN D 16 18.51 -6.86 16.99
N HIS D 17 19.35 -6.78 15.97
CA HIS D 17 20.72 -6.30 16.12
C HIS D 17 20.78 -4.89 16.73
N LEU D 18 19.95 -4.00 16.23
CA LEU D 18 19.98 -2.58 16.67
C LEU D 18 19.51 -2.35 18.10
N ARG D 19 18.62 -3.22 18.58
CA ARG D 19 17.98 -3.04 19.88
C ARG D 19 18.92 -2.84 21.05
N SER D 20 20.09 -3.46 21.00
CA SER D 20 21.05 -3.35 22.09
C SER D 20 22.19 -2.42 21.76
N ARG D 21 22.12 -1.73 20.61
CA ARG D 21 23.28 -1.01 20.09
C ARG D 21 23.05 0.47 19.80
N LEU D 22 21.88 1.00 20.13
CA LEU D 22 21.58 2.41 19.88
C LEU D 22 21.93 3.24 21.07
N ALA D 23 22.49 4.41 20.82
CA ALA D 23 22.84 5.31 21.89
C ALA D 23 22.87 6.71 21.35
N PHE D 24 23.01 7.68 22.24
CA PHE D 24 23.24 9.03 21.81
C PHE D 24 24.26 9.72 22.70
N GLU D 25 24.92 10.72 22.14
CA GLU D 25 25.91 11.47 22.87
C GLU D 25 25.25 12.73 23.44
N TYR D 26 25.43 12.96 24.74
CA TYR D 26 24.81 14.05 25.45
C TYR D 26 25.92 14.78 26.20
N ASN D 27 26.30 15.95 25.70
CA ASN D 27 27.44 16.71 26.22
C ASN D 27 28.63 15.81 26.58
N GLY D 28 29.06 15.00 25.62
CA GLY D 28 30.25 14.17 25.77
C GLY D 28 30.04 12.77 26.29
N GLN D 29 28.85 12.50 26.83
CA GLN D 29 28.54 11.25 27.50
C GLN D 29 27.67 10.37 26.62
N LEU D 30 28.09 9.12 26.42
CA LEU D 30 27.34 8.17 25.63
C LEU D 30 26.21 7.56 26.46
N ILE D 31 24.97 7.84 26.08
CA ILE D 31 23.79 7.37 26.81
C ILE D 31 23.10 6.32 25.99
N LYS D 32 23.03 5.11 26.54
CA LYS D 32 22.43 4.00 25.85
C LYS D 32 20.93 4.18 25.79
N ILE D 33 20.36 3.78 24.66
CA ILE D 33 18.92 3.79 24.47
C ILE D 33 18.46 2.38 24.79
N LEU D 34 17.42 2.25 25.62
CA LEU D 34 17.03 0.92 26.08
C LEU D 34 16.08 0.26 25.11
N SER D 35 16.24 -1.04 24.95
CA SER D 35 15.37 -1.81 24.08
C SER D 35 13.88 -1.54 24.28
N LYS D 36 13.47 -1.39 25.55
CA LYS D 36 12.05 -1.18 25.87
C LYS D 36 11.55 0.18 25.36
N ASN D 37 12.46 1.08 25.03
CA ASN D 37 12.13 2.39 24.47
C ASN D 37 12.32 2.47 22.96
N ILE D 38 12.48 1.31 22.32
CA ILE D 38 12.59 1.19 20.88
C ILE D 38 11.41 0.38 20.38
N VAL D 39 10.58 1.03 19.56
CA VAL D 39 9.41 0.37 18.97
C VAL D 39 9.50 0.29 17.45
N ALA D 40 9.41 -0.93 16.90
CA ALA D 40 9.32 -1.10 15.46
C ALA D 40 7.96 -0.58 14.99
N VAL D 41 7.98 0.28 13.97
CA VAL D 41 6.75 0.88 13.44
C VAL D 41 6.72 0.72 11.92
N GLY D 42 5.86 1.49 11.27
CA GLY D 42 5.80 1.51 9.83
C GLY D 42 5.50 0.17 9.18
N SER D 43 6.08 -0.03 7.99
CA SER D 43 5.86 -1.23 7.17
C SER D 43 6.23 -2.51 7.92
N LEU D 44 7.22 -2.40 8.80
CA LEU D 44 7.67 -3.50 9.63
C LEU D 44 6.57 -3.93 10.60
N ARG D 45 5.99 -2.98 11.31
CA ARG D 45 4.90 -3.32 12.24
C ARG D 45 3.66 -3.81 11.49
N ARG D 46 3.46 -3.32 10.27
CA ARG D 46 2.33 -3.77 9.44
C ARG D 46 2.56 -5.15 8.79
N GLU D 47 3.74 -5.72 8.99
CA GLU D 47 4.11 -7.05 8.52
C GLU D 47 4.01 -7.16 7.01
N GLU D 48 4.44 -6.13 6.31
CA GLU D 48 4.48 -6.17 4.86
C GLU D 48 5.65 -7.05 4.42
N LYS D 49 5.48 -7.69 3.25
CA LYS D 49 6.45 -8.70 2.77
C LYS D 49 7.81 -8.12 2.41
N MET D 50 7.80 -6.97 1.72
CA MET D 50 9.02 -6.26 1.37
C MET D 50 8.99 -4.87 1.99
N LEU D 51 10.13 -4.42 2.45
CA LEU D 51 10.26 -3.11 3.06
C LEU D 51 11.20 -2.25 2.26
N ASN D 52 10.95 -0.96 2.24
CA ASN D 52 11.83 0.01 1.60
C ASN D 52 12.84 0.53 2.56
N ASP D 53 12.58 0.31 3.85
CA ASP D 53 13.37 0.87 4.92
C ASP D 53 12.96 0.24 6.25
N VAL D 54 13.71 0.50 7.30
CA VAL D 54 13.42 0.00 8.62
C VAL D 54 13.04 1.18 9.47
N ASP D 55 11.88 1.13 10.08
CA ASP D 55 11.27 2.26 10.79
C ASP D 55 11.23 2.01 12.29
N LEU D 56 11.92 2.85 13.04
CA LEU D 56 11.96 2.74 14.50
C LEU D 56 11.51 4.02 15.18
N LEU D 57 10.69 3.85 16.20
CA LEU D 57 10.28 4.92 17.10
C LEU D 57 11.04 4.80 18.42
N ILE D 58 11.71 5.89 18.78
CA ILE D 58 12.45 5.96 20.02
C ILE D 58 11.68 6.78 21.03
N ILE D 59 11.39 6.17 22.18
CA ILE D 59 10.69 6.86 23.25
C ILE D 59 11.70 7.56 24.14
N VAL D 60 11.52 8.83 24.32
CA VAL D 60 12.44 9.66 25.08
C VAL D 60 11.83 10.15 26.39
N PRO D 61 12.51 9.93 27.51
CA PRO D 61 11.90 10.21 28.81
C PRO D 61 11.73 11.68 29.20
N GLU D 62 12.48 12.60 28.59
CA GLU D 62 12.48 14.03 28.97
C GLU D 62 12.55 14.97 27.77
N LYS D 63 11.74 16.03 27.77
CA LYS D 63 11.74 17.06 26.72
C LYS D 63 13.14 17.61 26.39
N LYS D 64 13.93 17.87 27.43
CA LYS D 64 15.25 18.47 27.28
C LYS D 64 16.18 17.60 26.43
N LEU D 65 15.95 16.28 26.43
CA LEU D 65 16.81 15.36 25.67
C LEU D 65 16.57 15.35 24.15
N LEU D 66 15.44 15.88 23.68
CA LEU D 66 15.11 15.81 22.27
C LEU D 66 16.13 16.49 21.37
N LYS D 67 16.70 17.60 21.84
CA LYS D 67 17.74 18.26 21.04
C LYS D 67 19.02 17.41 20.92
N HIS D 68 19.12 16.34 21.70
CA HIS D 68 20.33 15.54 21.76
C HIS D 68 20.23 14.18 21.13
N VAL D 69 19.04 13.58 21.15
CA VAL D 69 18.94 12.13 20.83
C VAL D 69 19.26 11.81 19.37
N LEU D 70 18.41 12.23 18.45
CA LEU D 70 18.63 11.94 17.04
C LEU D 70 19.81 12.72 16.45
N PRO D 71 19.93 14.01 16.78
CA PRO D 71 21.09 14.73 16.24
C PRO D 71 22.46 14.15 16.63
N ASN D 72 22.54 13.37 17.73
CA ASN D 72 23.79 12.72 18.13
C ASN D 72 23.68 11.21 18.24
N ILE D 73 22.91 10.62 17.35
CA ILE D 73 22.68 9.17 17.40
C ILE D 73 23.97 8.40 17.12
N ARG D 74 24.11 7.24 17.75
CA ARG D 74 25.27 6.38 17.59
C ARG D 74 24.77 4.96 17.50
N ILE D 75 25.46 4.14 16.70
CA ILE D 75 25.13 2.73 16.59
C ILE D 75 26.42 1.95 16.71
N LYS D 76 26.53 1.13 17.76
CA LYS D 76 27.77 0.42 18.05
C LYS D 76 28.09 -0.59 16.95
N GLY D 77 29.26 -0.44 16.36
CA GLY D 77 29.81 -1.43 15.43
C GLY D 77 29.29 -1.39 14.01
N LEU D 78 28.36 -0.48 13.72
CA LEU D 78 27.73 -0.41 12.41
C LEU D 78 28.17 0.86 11.67
N SER D 79 28.58 0.73 10.41
CA SER D 79 28.88 1.91 9.61
C SER D 79 27.57 2.50 9.04
N PHE D 80 27.43 3.82 9.19
CA PHE D 80 26.27 4.51 8.65
C PHE D 80 26.61 5.95 8.31
N SER D 81 25.75 6.57 7.50
CA SER D 81 25.82 7.99 7.19
C SER D 81 24.44 8.63 7.34
N VAL D 82 24.42 9.94 7.56
CA VAL D 82 23.17 10.67 7.81
C VAL D 82 22.68 11.32 6.54
N LYS D 83 21.45 11.01 6.13
CA LYS D 83 20.82 11.67 4.99
C LYS D 83 20.17 12.98 5.42
N VAL D 84 19.24 12.92 6.36
CA VAL D 84 18.67 14.12 6.98
C VAL D 84 18.45 13.84 8.46
N CYS D 85 18.46 14.89 9.27
CA CYS D 85 18.31 14.71 10.70
C CYS D 85 17.85 15.95 11.43
N GLY D 86 16.80 15.80 12.22
CA GLY D 86 16.32 16.82 13.16
C GLY D 86 15.99 16.12 14.47
N GLU D 87 15.27 16.80 15.35
CA GLU D 87 14.95 16.28 16.68
C GLU D 87 13.89 15.19 16.64
N ARG D 88 13.05 15.23 15.60
CA ARG D 88 11.88 14.34 15.53
C ARG D 88 11.97 13.32 14.41
N LYS D 89 12.75 13.61 13.37
CA LYS D 89 13.00 12.66 12.27
C LYS D 89 14.45 12.61 11.88
N CYS D 90 14.95 11.39 11.74
CA CYS D 90 16.32 11.15 11.30
C CYS D 90 16.32 9.99 10.32
N VAL D 91 16.93 10.20 9.17
CA VAL D 91 17.10 9.13 8.18
C VAL D 91 18.57 8.79 7.98
N LEU D 92 18.88 7.51 8.16
CA LEU D 92 20.27 7.02 8.02
C LEU D 92 20.39 5.98 6.93
N PHE D 93 21.58 5.90 6.34
CA PHE D 93 21.93 4.77 5.49
C PHE D 93 22.91 3.91 6.27
N ILE D 94 22.57 2.63 6.47
CA ILE D 94 23.40 1.72 7.24
C ILE D 94 24.00 0.63 6.36
N GLU D 95 25.19 0.16 6.70
CA GLU D 95 25.81 -0.99 6.04
C GLU D 95 25.42 -2.24 6.79
N TRP D 96 24.86 -3.21 6.08
CA TRP D 96 24.46 -4.47 6.67
C TRP D 96 24.81 -5.58 5.70
N GLU D 97 25.71 -6.49 6.11
CA GLU D 97 26.14 -7.61 5.28
C GLU D 97 26.45 -7.19 3.85
N LYS D 98 27.36 -6.23 3.75
CA LYS D 98 27.88 -5.75 2.46
C LYS D 98 26.82 -5.04 1.57
N LYS D 99 25.63 -4.77 2.10
CA LYS D 99 24.64 -3.94 1.40
C LYS D 99 24.23 -2.71 2.24
N THR D 100 23.76 -1.68 1.56
CA THR D 100 23.27 -0.45 2.22
C THR D 100 21.73 -0.44 2.32
N TYR D 101 21.20 -0.14 3.52
CA TYR D 101 19.76 0.04 3.72
C TYR D 101 19.43 1.36 4.41
N GLN D 102 18.18 1.79 4.29
CA GLN D 102 17.70 3.04 4.88
C GLN D 102 17.03 2.75 6.23
N LEU D 103 17.49 3.46 7.24
CA LEU D 103 16.97 3.40 8.60
C LEU D 103 16.26 4.70 8.92
N ASP D 104 14.96 4.64 9.17
CA ASP D 104 14.17 5.83 9.52
C ASP D 104 13.88 5.86 11.02
N LEU D 105 14.36 6.89 11.68
CA LEU D 105 14.19 7.02 13.13
C LEU D 105 13.28 8.21 13.48
N PHE D 106 12.39 7.99 14.45
CA PHE D 106 11.50 9.04 14.97
C PHE D 106 11.52 9.03 16.51
N THR D 107 11.23 10.19 17.12
CA THR D 107 11.19 10.31 18.59
C THR D 107 9.84 10.71 19.10
N ALA D 108 9.44 10.08 20.20
CA ALA D 108 8.25 10.46 20.94
C ALA D 108 8.60 10.60 22.42
N LEU D 109 7.97 11.57 23.06
CA LEU D 109 8.00 11.66 24.52
C LEU D 109 7.05 10.61 25.10
N ALA D 110 7.30 10.25 26.35
CA ALA D 110 6.56 9.15 27.01
C ALA D 110 5.06 9.36 26.95
N GLU D 111 4.61 10.58 27.26
CA GLU D 111 3.18 10.87 27.27
C GLU D 111 2.54 10.83 25.86
N GLU D 112 3.38 10.89 24.82
CA GLU D 112 2.90 10.86 23.44
C GLU D 112 2.84 9.44 22.87
N LYS D 113 3.40 8.49 23.60
CA LYS D 113 3.72 7.18 23.05
C LYS D 113 2.57 6.49 22.31
N PRO D 114 1.40 6.35 22.95
CA PRO D 114 0.31 5.66 22.20
C PRO D 114 -0.07 6.38 20.91
N TYR D 115 -0.10 7.70 20.96
CA TYR D 115 -0.45 8.51 19.80
C TYR D 115 0.58 8.37 18.69
N ALA D 116 1.86 8.35 19.08
CA ALA D 116 2.96 8.19 18.14
C ALA D 116 2.94 6.81 17.48
N ILE D 117 2.73 5.78 18.29
CA ILE D 117 2.68 4.44 17.73
C ILE D 117 1.59 4.36 16.68
N PHE D 118 0.43 4.88 17.02
CA PHE D 118 -0.74 4.82 16.15
C PHE D 118 -0.44 5.54 14.84
N HIS D 119 0.12 6.76 14.96
CA HIS D 119 0.53 7.51 13.77
C HIS D 119 1.58 6.81 12.90
N PHE D 120 2.67 6.37 13.50
CA PHE D 120 3.78 5.81 12.76
C PHE D 120 3.51 4.40 12.25
N THR D 121 2.47 3.76 12.80
CA THR D 121 2.04 2.46 12.24
C THR D 121 1.31 2.63 10.91
N GLY D 122 0.47 3.65 10.80
CA GLY D 122 -0.34 3.84 9.63
C GLY D 122 -1.21 2.60 9.33
N PRO D 123 -1.39 2.24 8.05
CA PRO D 123 -0.89 2.94 6.86
C PRO D 123 -1.56 4.30 6.69
N VAL D 124 -1.07 5.08 5.74
CA VAL D 124 -1.55 6.45 5.57
C VAL D 124 -3.05 6.51 5.27
N SER D 125 -3.52 5.67 4.36
CA SER D 125 -4.95 5.62 4.00
C SER D 125 -5.83 5.50 5.25
N TYR D 126 -5.38 4.66 6.19
CA TYR D 126 -6.11 4.38 7.43
C TYR D 126 -6.11 5.62 8.35
N LEU D 127 -4.94 6.25 8.50
CA LEU D 127 -4.87 7.49 9.27
C LEU D 127 -5.83 8.56 8.73
N ILE D 128 -5.89 8.70 7.40
CA ILE D 128 -6.72 9.74 6.77
C ILE D 128 -8.18 9.49 7.10
N ARG D 129 -8.60 8.23 7.00
CA ARG D 129 -10.00 7.89 7.29
C ARG D 129 -10.35 8.19 8.75
N ILE D 130 -9.49 7.74 9.66
CA ILE D 130 -9.69 7.92 11.10
C ILE D 130 -9.71 9.40 11.47
N ARG D 131 -8.73 10.14 10.96
CA ARG D 131 -8.67 11.57 11.23
C ARG D 131 -9.85 12.35 10.67
N ALA D 132 -10.32 11.94 9.49
CA ALA D 132 -11.48 12.58 8.86
C ALA D 132 -12.74 12.42 9.70
N ALA D 133 -12.92 11.21 10.23
CA ALA D 133 -14.10 10.91 11.04
C ALA D 133 -14.09 11.68 12.36
N LEU D 134 -12.92 11.79 12.96
CA LEU D 134 -12.76 12.59 14.18
C LEU D 134 -12.95 14.08 13.87
N LYS D 135 -12.46 14.51 12.71
CA LYS D 135 -12.60 15.91 12.29
C LYS D 135 -14.06 16.35 12.16
N LYS D 136 -14.92 15.43 11.70
CA LYS D 136 -16.37 15.69 11.61
C LYS D 136 -17.01 15.95 12.96
N LYS D 137 -16.42 15.44 14.04
CA LYS D 137 -16.87 15.72 15.41
C LYS D 137 -16.07 16.82 16.09
N ASN D 138 -15.36 17.62 15.29
CA ASN D 138 -14.54 18.73 15.79
C ASN D 138 -13.33 18.31 16.67
N TYR D 139 -12.75 17.15 16.39
CA TYR D 139 -11.48 16.73 17.01
C TYR D 139 -10.32 16.81 16.01
N LYS D 140 -9.10 16.94 16.53
CA LYS D 140 -7.87 16.82 15.72
C LYS D 140 -6.94 15.82 16.37
N LEU D 141 -6.59 14.78 15.62
CA LEU D 141 -5.69 13.74 16.08
C LEU D 141 -4.37 13.82 15.36
N ASN D 142 -3.29 13.72 16.13
CA ASN D 142 -1.94 13.65 15.55
C ASN D 142 -1.05 12.72 16.37
N GLN D 143 0.26 12.74 16.08
CA GLN D 143 1.23 11.89 16.79
C GLN D 143 1.53 12.30 18.23
N TYR D 144 0.99 13.42 18.67
CA TYR D 144 1.21 14.01 19.99
C TYR D 144 0.04 13.87 20.94
N GLY D 145 -1.18 13.80 20.42
CA GLY D 145 -2.38 13.78 21.27
C GLY D 145 -3.67 13.95 20.48
N LEU D 146 -4.77 14.01 21.22
CA LEU D 146 -6.09 14.30 20.67
C LEU D 146 -6.47 15.69 21.15
N PHE D 147 -6.94 16.52 20.24
CA PHE D 147 -7.24 17.93 20.53
C PHE D 147 -8.65 18.29 20.10
N LYS D 148 -9.27 19.20 20.85
CA LYS D 148 -10.53 19.83 20.46
C LYS D 148 -10.43 21.32 20.77
N ASN D 149 -10.74 22.15 19.77
CA ASN D 149 -10.57 23.60 19.87
C ASN D 149 -9.16 23.98 20.31
N GLN D 150 -8.19 23.31 19.68
CA GLN D 150 -6.76 23.56 19.91
C GLN D 150 -6.33 23.27 21.36
N THR D 151 -7.10 22.45 22.08
CA THR D 151 -6.81 22.13 23.49
C THR D 151 -6.71 20.62 23.67
N LEU D 152 -5.70 20.17 24.41
CA LEU D 152 -5.44 18.74 24.58
C LEU D 152 -6.60 18.09 25.33
N VAL D 153 -7.12 17.00 24.78
CA VAL D 153 -8.16 16.23 25.44
C VAL D 153 -7.47 15.15 26.26
N PRO D 154 -7.44 15.32 27.59
CA PRO D 154 -6.70 14.35 28.37
C PRO D 154 -7.46 13.01 28.44
N LEU D 155 -6.93 11.99 27.76
CA LEU D 155 -7.51 10.64 27.83
C LEU D 155 -6.72 9.81 28.83
N LYS D 156 -7.43 8.93 29.53
CA LYS D 156 -6.81 8.06 30.52
C LYS D 156 -6.42 6.75 29.86
N ILE D 157 -5.34 6.78 29.08
CA ILE D 157 -4.89 5.63 28.34
C ILE D 157 -3.39 5.46 28.44
N THR D 158 -2.89 4.24 28.28
CA THR D 158 -1.46 3.94 28.29
C THR D 158 -1.01 3.32 26.97
N THR D 159 -1.85 2.48 26.38
CA THR D 159 -1.49 1.69 25.21
C THR D 159 -2.21 2.18 23.95
N GLU D 160 -1.67 1.80 22.80
CA GLU D 160 -2.32 2.09 21.50
C GLU D 160 -3.71 1.48 21.41
N LYS D 161 -3.86 0.23 21.87
CA LYS D 161 -5.17 -0.44 21.84
C LYS D 161 -6.22 0.35 22.62
N GLU D 162 -5.87 0.77 23.83
CA GLU D 162 -6.78 1.58 24.66
C GLU D 162 -7.15 2.89 23.98
N LEU D 163 -6.17 3.52 23.33
CA LEU D 163 -6.41 4.74 22.58
C LEU D 163 -7.43 4.51 21.48
N ILE D 164 -7.22 3.46 20.68
CA ILE D 164 -8.09 3.16 19.55
C ILE D 164 -9.55 2.98 19.99
N LYS D 165 -9.74 2.21 21.05
CA LYS D 165 -11.09 1.95 21.58
C LYS D 165 -11.71 3.20 22.21
N GLU D 166 -10.92 3.98 22.95
CA GLU D 166 -11.38 5.25 23.49
C GLU D 166 -11.79 6.27 22.38
N LEU D 167 -11.12 6.22 21.23
CA LEU D 167 -11.48 7.07 20.08
C LEU D 167 -12.77 6.61 19.40
N GLY D 168 -13.20 5.38 19.69
CA GLY D 168 -14.48 4.85 19.21
C GLY D 168 -14.38 4.07 17.92
N PHE D 169 -13.19 3.54 17.63
CA PHE D 169 -12.99 2.73 16.43
C PHE D 169 -12.74 1.29 16.81
N THR D 170 -12.94 0.40 15.84
CA THR D 170 -12.69 -1.01 16.00
C THR D 170 -11.19 -1.29 16.06
N TYR D 171 -10.77 -2.03 17.07
CA TYR D 171 -9.36 -2.39 17.16
C TYR D 171 -9.02 -3.47 16.14
N ARG D 172 -8.03 -3.17 15.31
CA ARG D 172 -7.53 -4.13 14.35
C ARG D 172 -6.01 -4.22 14.48
N ILE D 173 -5.50 -5.44 14.35
CA ILE D 173 -4.07 -5.65 14.42
C ILE D 173 -3.43 -4.87 13.24
N PRO D 174 -2.19 -4.40 13.44
CA PRO D 174 -1.55 -3.50 12.45
C PRO D 174 -1.63 -4.00 11.01
N LYS D 175 -1.42 -5.29 10.82
CA LYS D 175 -1.50 -5.91 9.50
C LYS D 175 -2.85 -5.68 8.77
N LYS D 176 -3.95 -5.55 9.52
CA LYS D 176 -5.29 -5.48 8.95
C LYS D 176 -5.85 -4.07 8.85
N ARG D 177 -5.05 -3.08 9.22
CA ARG D 177 -5.48 -1.69 9.14
C ARG D 177 -5.36 -1.18 7.72
N LEU D 178 -6.39 -0.48 7.27
CA LEU D 178 -6.47 0.03 5.91
C LEU D 178 -7.43 1.23 5.77
#